data_6VQL
#
_entry.id   6VQL
#
_cell.length_a   135.352
_cell.length_b   140.827
_cell.length_c   86.068
_cell.angle_alpha   90.000
_cell.angle_beta   126.200
_cell.angle_gamma   90.000
#
_symmetry.space_group_name_H-M   'C 1 2 1'
#
loop_
_entity.id
_entity.type
_entity.pdbx_description
1 polymer 'Interleukin-1 receptor-associated kinase 4'
2 non-polymer 6-[(1,3-benzothiazol-6-yl)amino]-4-(cyclopropylamino)-N-[(2R)-2-fluoro-3-hydroxy-3-methylbutyl]pyridine-3-carboxamide
3 non-polymer 'SULFATE ION'
4 water water
#
_entity_poly.entity_id   1
_entity_poly.type   'polypeptide(L)'
_entity_poly.pdbx_seq_one_letter_code
;GAMGVSDTRFHSFSFYELKNVTNNFDERPISVGGNKMGEGGFGVVYKGYVNNTTVAVKKLAAMVDITTEELKQQFDQEIK
VMAKCQHENLVELLGFSSDGDDLCLVYVYMPNGSLLDRLSCLDGTPPLSWHMRCKIAQGAANGINFLHENHHIHRDIKSA
NILLDEAFTAKISDFGLARASEKFAQ(TPO)VM(TPO)(SEP)RIVGTTAYMAPEALRGEITPKSDIYSFGVVLLEIITG
LPAVDEHREPQLLLDIKEEIEDEEKTIEDYIDKKMNDADSTSVEAMYSVASQCLHEKKNKRPDIKKVQQLLQEMTAS
;
_entity_poly.pdbx_strand_id   A,B,C,D
#
loop_
_chem_comp.id
_chem_comp.type
_chem_comp.name
_chem_comp.formula
R7S non-polymer 6-[(1,3-benzothiazol-6-yl)amino]-4-(cyclopropylamino)-N-[(2R)-2-fluoro-3-hydroxy-3-methylbutyl]pyridine-3-carboxamide 'C21 H24 F N5 O2 S'
SO4 non-polymer 'SULFATE ION' 'O4 S -2'
#
# COMPACT_ATOMS: atom_id res chain seq x y z
N ASP A 7 24.52 21.98 6.03
CA ASP A 7 23.83 22.96 5.18
C ASP A 7 24.04 22.62 3.69
N THR A 8 23.14 21.78 3.17
CA THR A 8 23.12 21.22 1.81
C THR A 8 22.87 22.22 0.67
N ARG A 9 23.41 21.92 -0.52
CA ARG A 9 23.17 22.69 -1.75
C ARG A 9 22.29 21.79 -2.66
N PHE A 10 21.38 22.39 -3.41
CA PHE A 10 20.42 21.65 -4.23
C PHE A 10 20.72 21.82 -5.73
N HIS A 11 20.18 20.92 -6.58
CA HIS A 11 20.43 21.03 -8.02
C HIS A 11 19.74 22.25 -8.61
N SER A 12 20.50 23.04 -9.37
CA SER A 12 19.93 24.22 -10.02
C SER A 12 19.39 23.85 -11.39
N PHE A 13 18.06 23.82 -11.52
CA PHE A 13 17.42 23.48 -12.79
C PHE A 13 17.03 24.72 -13.57
N SER A 14 16.97 24.60 -14.91
CA SER A 14 16.51 25.66 -15.81
C SER A 14 15.02 25.39 -16.06
N PHE A 15 14.17 26.45 -16.07
CA PHE A 15 12.74 26.30 -16.22
C PHE A 15 12.31 25.46 -17.41
N TYR A 16 13.08 25.50 -18.52
CA TYR A 16 12.74 24.71 -19.68
C TYR A 16 12.87 23.21 -19.42
N GLU A 17 13.85 22.78 -18.58
CA GLU A 17 14.02 21.36 -18.24
C GLU A 17 12.81 20.91 -17.46
N LEU A 18 12.37 21.71 -16.48
CA LEU A 18 11.19 21.38 -15.70
C LEU A 18 9.89 21.43 -16.52
N LYS A 19 9.87 22.21 -17.62
CA LYS A 19 8.70 22.20 -18.49
C LYS A 19 8.70 20.93 -19.35
N ASN A 20 9.88 20.40 -19.71
CA ASN A 20 9.98 19.18 -20.46
C ASN A 20 9.61 17.99 -19.58
N VAL A 21 10.21 17.86 -18.37
CA VAL A 21 9.97 16.74 -17.44
C VAL A 21 8.54 16.63 -16.94
N THR A 22 7.74 17.72 -17.02
CA THR A 22 6.37 17.69 -16.56
C THR A 22 5.35 17.77 -17.69
N ASN A 23 5.73 17.41 -18.93
CA ASN A 23 4.87 17.40 -20.11
C ASN A 23 4.19 18.76 -20.32
N ASN A 24 4.97 19.84 -20.16
CA ASN A 24 4.54 21.23 -20.24
C ASN A 24 3.52 21.54 -19.14
N PHE A 25 3.74 21.03 -17.92
CA PHE A 25 2.84 21.24 -16.80
C PHE A 25 1.39 20.86 -17.16
N ASP A 26 1.16 19.59 -17.52
CA ASP A 26 -0.15 19.07 -17.91
C ASP A 26 -1.09 19.17 -16.73
N GLU A 27 -2.19 19.92 -16.88
CA GLU A 27 -3.15 20.11 -15.80
C GLU A 27 -4.06 18.91 -15.56
N ARG A 28 -4.09 17.94 -16.48
CA ARG A 28 -4.89 16.71 -16.33
C ARG A 28 -4.40 15.92 -15.13
N PRO A 29 -5.30 15.25 -14.41
CA PRO A 29 -4.86 14.47 -13.25
C PRO A 29 -4.07 13.24 -13.68
N ILE A 30 -3.13 12.84 -12.83
CA ILE A 30 -2.29 11.67 -13.06
C ILE A 30 -3.13 10.39 -13.29
N SER A 31 -4.32 10.31 -12.67
CA SER A 31 -5.22 9.16 -12.81
C SER A 31 -5.75 9.04 -14.24
N VAL A 32 -6.07 10.19 -14.87
CA VAL A 32 -6.58 10.31 -16.23
C VAL A 32 -5.47 10.01 -17.27
N GLY A 33 -4.26 10.46 -16.95
CA GLY A 33 -3.08 10.30 -17.80
C GLY A 33 -2.19 11.54 -17.85
N GLY A 34 -2.51 12.55 -17.03
CA GLY A 34 -1.79 13.82 -17.01
C GLY A 34 -0.70 13.90 -15.95
N ASN A 35 -0.35 15.13 -15.57
CA ASN A 35 0.72 15.34 -14.60
C ASN A 35 0.29 15.94 -13.26
N LYS A 36 -0.83 16.68 -13.22
CA LYS A 36 -1.26 17.33 -11.98
C LYS A 36 -1.56 16.32 -10.86
N MET A 37 -0.93 16.50 -9.69
CA MET A 37 -1.14 15.60 -8.53
C MET A 37 -1.84 16.30 -7.37
N GLY A 38 -1.74 17.62 -7.31
CA GLY A 38 -2.37 18.41 -6.26
C GLY A 38 -2.10 19.89 -6.43
N GLU A 39 -2.65 20.70 -5.50
CA GLU A 39 -2.43 22.15 -5.52
C GLU A 39 -2.88 22.86 -4.28
N GLY A 40 -2.18 23.94 -3.96
CA GLY A 40 -2.50 24.80 -2.83
C GLY A 40 -2.74 26.22 -3.29
N GLY A 41 -2.68 27.15 -2.36
CA GLY A 41 -2.84 28.57 -2.66
C GLY A 41 -1.57 29.20 -3.21
N PHE A 42 -0.41 28.57 -2.95
CA PHE A 42 0.87 29.09 -3.41
C PHE A 42 1.41 28.41 -4.67
N GLY A 43 0.75 27.38 -5.18
CA GLY A 43 1.19 26.70 -6.40
C GLY A 43 0.55 25.37 -6.71
N VAL A 44 0.93 24.74 -7.84
CA VAL A 44 0.42 23.45 -8.32
C VAL A 44 1.54 22.41 -8.40
N VAL A 45 1.31 21.19 -7.86
CA VAL A 45 2.27 20.08 -7.86
C VAL A 45 2.06 19.17 -9.10
N TYR A 46 3.15 18.91 -9.85
CA TYR A 46 3.11 18.07 -11.05
C TYR A 46 4.05 16.89 -10.93
N LYS A 47 3.67 15.73 -11.49
CA LYS A 47 4.56 14.58 -11.55
C LYS A 47 5.58 14.85 -12.66
N GLY A 48 6.79 14.36 -12.48
CA GLY A 48 7.84 14.51 -13.47
C GLY A 48 8.81 13.36 -13.47
N TYR A 49 9.67 13.31 -14.49
CA TYR A 49 10.72 12.31 -14.55
C TYR A 49 12.04 13.02 -14.84
N VAL A 50 12.94 13.07 -13.87
CA VAL A 50 14.25 13.66 -14.05
C VAL A 50 15.26 12.55 -14.04
N ASN A 51 15.68 12.03 -15.21
CA ASN A 51 16.74 11.04 -15.26
C ASN A 51 16.38 9.72 -14.56
N ASN A 52 15.25 9.10 -14.93
CA ASN A 52 14.78 7.86 -14.31
C ASN A 52 14.23 8.04 -12.89
N THR A 53 14.42 9.22 -12.29
CA THR A 53 13.90 9.57 -10.98
C THR A 53 12.50 10.21 -11.14
N THR A 54 11.49 9.63 -10.48
CA THR A 54 10.17 10.24 -10.48
C THR A 54 10.22 11.37 -9.45
N VAL A 55 9.73 12.56 -9.82
CA VAL A 55 9.82 13.73 -8.95
C VAL A 55 8.45 14.44 -8.83
N ALA A 56 8.38 15.43 -7.94
CA ALA A 56 7.21 16.27 -7.83
C ALA A 56 7.73 17.68 -8.03
N VAL A 57 7.20 18.40 -9.03
CA VAL A 57 7.61 19.79 -9.29
C VAL A 57 6.49 20.74 -8.90
N LYS A 58 6.74 21.56 -7.89
CA LYS A 58 5.77 22.53 -7.40
C LYS A 58 6.02 23.88 -8.10
N LYS A 59 5.13 24.24 -9.04
CA LYS A 59 5.24 25.50 -9.78
C LYS A 59 4.48 26.58 -9.03
N LEU A 60 5.19 27.43 -8.31
CA LEU A 60 4.62 28.52 -7.51
C LEU A 60 3.82 29.53 -8.35
N ALA A 61 2.64 29.94 -7.85
CA ALA A 61 1.77 30.89 -8.54
C ALA A 61 0.87 31.65 -7.55
N ALA A 62 0.52 32.90 -7.92
CA ALA A 62 -0.36 33.76 -7.14
C ALA A 62 -1.81 33.28 -7.19
N ASP A 65 -3.44 35.16 -3.34
CA ASP A 65 -3.66 36.47 -2.70
C ASP A 65 -2.38 37.02 -2.06
N ILE A 66 -1.20 36.72 -2.64
CA ILE A 66 0.06 37.20 -2.09
C ILE A 66 0.89 37.99 -3.11
N THR A 67 1.82 38.82 -2.62
CA THR A 67 2.70 39.64 -3.46
C THR A 67 3.79 38.81 -4.17
N THR A 68 4.49 39.41 -5.17
CA THR A 68 5.57 38.76 -5.92
C THR A 68 6.81 38.62 -5.05
N GLU A 69 7.15 39.67 -4.27
CA GLU A 69 8.28 39.60 -3.33
C GLU A 69 7.95 38.70 -2.14
N GLU A 70 6.65 38.52 -1.82
CA GLU A 70 6.13 37.65 -0.76
C GLU A 70 6.27 36.18 -1.20
N LEU A 71 5.92 35.89 -2.46
CA LEU A 71 6.05 34.55 -3.03
C LEU A 71 7.54 34.17 -3.19
N LYS A 72 8.40 35.17 -3.49
CA LYS A 72 9.84 34.99 -3.59
C LYS A 72 10.41 34.70 -2.20
N GLN A 73 9.92 35.39 -1.16
CA GLN A 73 10.35 35.20 0.23
C GLN A 73 10.02 33.78 0.71
N GLN A 74 8.86 33.23 0.27
CA GLN A 74 8.45 31.87 0.63
C GLN A 74 9.32 30.82 -0.07
N PHE A 75 9.71 31.10 -1.32
CA PHE A 75 10.59 30.26 -2.12
C PHE A 75 11.97 30.22 -1.48
N ASP A 76 12.47 31.36 -1.02
CA ASP A 76 13.77 31.43 -0.36
C ASP A 76 13.73 30.81 1.04
N GLN A 77 12.58 30.87 1.72
CA GLN A 77 12.41 30.31 3.05
C GLN A 77 12.35 28.77 2.99
N GLU A 78 11.68 28.23 1.96
CA GLU A 78 11.58 26.79 1.74
C GLU A 78 12.99 26.22 1.52
N ILE A 79 13.77 26.87 0.66
CA ILE A 79 15.13 26.47 0.35
C ILE A 79 16.05 26.57 1.57
N LYS A 80 15.96 27.68 2.33
CA LYS A 80 16.81 27.87 3.50
C LYS A 80 16.55 26.84 4.61
N VAL A 81 15.27 26.49 4.86
CA VAL A 81 14.93 25.48 5.88
C VAL A 81 15.31 24.07 5.42
N MET A 82 15.17 23.80 4.10
CA MET A 82 15.54 22.49 3.54
C MET A 82 17.01 22.24 3.63
N ALA A 83 17.81 23.28 3.48
CA ALA A 83 19.25 23.15 3.58
C ALA A 83 19.65 22.72 5.01
N LYS A 84 19.00 23.31 6.01
CA LYS A 84 19.30 23.03 7.39
C LYS A 84 18.76 21.70 7.86
N CYS A 85 17.45 21.47 7.71
CA CYS A 85 16.76 20.30 8.24
C CYS A 85 16.64 19.13 7.28
N GLN A 86 17.19 18.00 7.72
CA GLN A 86 17.14 16.74 7.00
C GLN A 86 16.73 15.65 7.98
N HIS A 87 15.57 15.05 7.75
CA HIS A 87 15.05 14.00 8.59
C HIS A 87 14.20 13.01 7.76
N GLU A 88 14.00 11.77 8.27
CA GLU A 88 13.19 10.74 7.61
C GLU A 88 11.71 11.06 7.62
N ASN A 89 11.26 11.90 8.54
CA ASN A 89 9.89 12.38 8.64
C ASN A 89 9.71 13.80 8.15
N LEU A 90 10.62 14.25 7.28
CA LEU A 90 10.62 15.52 6.61
C LEU A 90 10.87 15.23 5.14
N VAL A 91 10.11 15.84 4.26
CA VAL A 91 10.31 15.64 2.85
C VAL A 91 11.67 16.21 2.40
N GLU A 92 12.22 15.69 1.29
CA GLU A 92 13.52 16.14 0.76
C GLU A 92 13.43 17.02 -0.52
N LEU A 93 14.11 18.16 -0.50
CA LEU A 93 14.18 19.03 -1.66
C LEU A 93 15.34 18.50 -2.54
N LEU A 94 15.09 18.31 -3.82
CA LEU A 94 16.09 17.84 -4.74
C LEU A 94 16.75 19.04 -5.41
N GLY A 95 15.91 19.93 -5.96
CA GLY A 95 16.38 21.12 -6.63
C GLY A 95 15.34 22.22 -6.72
N PHE A 96 15.58 23.19 -7.60
CA PHE A 96 14.72 24.35 -7.78
C PHE A 96 14.99 25.08 -9.11
N SER A 97 14.12 26.02 -9.45
CA SER A 97 14.23 26.84 -10.65
C SER A 97 13.79 28.25 -10.27
N SER A 98 14.64 29.24 -10.50
CA SER A 98 14.32 30.63 -10.17
C SER A 98 14.41 31.61 -11.35
N ASP A 99 14.83 31.13 -12.54
CA ASP A 99 14.96 31.98 -13.73
C ASP A 99 13.62 32.53 -14.23
N GLY A 100 13.53 33.86 -14.27
CA GLY A 100 12.33 34.55 -14.69
C GLY A 100 11.31 34.67 -13.58
N ASP A 101 10.03 34.81 -13.95
CA ASP A 101 8.94 34.92 -12.97
C ASP A 101 8.34 33.54 -12.59
N ASP A 102 9.04 32.44 -12.95
CA ASP A 102 8.57 31.07 -12.74
C ASP A 102 9.39 30.34 -11.69
N LEU A 103 8.96 30.42 -10.42
CA LEU A 103 9.64 29.76 -9.31
C LEU A 103 9.15 28.32 -9.17
N CYS A 104 10.04 27.36 -9.42
CA CYS A 104 9.70 25.93 -9.29
C CYS A 104 10.55 25.28 -8.21
N LEU A 105 10.01 24.29 -7.54
CA LEU A 105 10.74 23.55 -6.52
C LEU A 105 10.58 22.06 -6.83
N VAL A 106 11.68 21.32 -6.79
CA VAL A 106 11.65 19.89 -7.14
C VAL A 106 11.85 19.00 -5.92
N TYR A 107 10.93 18.05 -5.69
CA TYR A 107 10.97 17.13 -4.56
C TYR A 107 10.97 15.66 -4.98
N VAL A 108 11.23 14.76 -4.03
CA VAL A 108 11.11 13.33 -4.29
C VAL A 108 9.61 13.02 -4.42
N TYR A 109 9.28 12.09 -5.29
CA TYR A 109 7.90 11.69 -5.52
C TYR A 109 7.42 10.80 -4.37
N MET A 110 6.26 11.14 -3.78
CA MET A 110 5.63 10.41 -2.67
C MET A 110 4.55 9.50 -3.27
N PRO A 111 4.81 8.20 -3.38
CA PRO A 111 3.84 7.31 -4.02
C PRO A 111 2.42 7.30 -3.47
N ASN A 112 2.26 7.76 -2.23
CA ASN A 112 0.94 7.75 -1.62
C ASN A 112 0.37 9.15 -1.34
N GLY A 113 0.92 10.16 -2.00
CA GLY A 113 0.45 11.54 -1.87
C GLY A 113 0.32 12.06 -0.47
N SER A 114 -0.79 12.76 -0.18
CA SER A 114 -0.98 13.35 1.13
C SER A 114 -1.95 12.57 2.03
N LEU A 115 -1.85 12.81 3.36
CA LEU A 115 -2.72 12.22 4.35
C LEU A 115 -4.16 12.67 4.11
N LEU A 116 -4.35 13.92 3.65
CA LEU A 116 -5.68 14.44 3.35
C LEU A 116 -6.37 13.53 2.32
N ASP A 117 -5.71 13.32 1.17
CA ASP A 117 -6.21 12.49 0.08
C ASP A 117 -6.35 11.02 0.44
N ARG A 118 -5.50 10.52 1.35
CA ARG A 118 -5.60 9.13 1.76
C ARG A 118 -6.72 8.92 2.73
N LEU A 119 -7.01 9.90 3.60
CA LEU A 119 -8.16 9.81 4.51
C LEU A 119 -9.47 9.92 3.73
N SER A 120 -9.50 10.70 2.65
CA SER A 120 -10.69 10.83 1.81
C SER A 120 -10.79 9.78 0.69
N CYS A 121 -9.75 8.90 0.53
CA CYS A 121 -9.65 7.87 -0.51
C CYS A 121 -9.69 8.44 -1.92
N LEU A 122 -9.10 9.64 -2.13
CA LEU A 122 -9.08 10.31 -3.42
C LEU A 122 -8.43 9.39 -4.47
N ASP A 123 -9.03 9.30 -5.65
CA ASP A 123 -8.57 8.43 -6.72
C ASP A 123 -8.77 6.93 -6.45
N GLY A 124 -9.59 6.60 -5.46
CA GLY A 124 -9.94 5.23 -5.14
C GLY A 124 -8.97 4.43 -4.30
N THR A 125 -8.06 5.10 -3.57
CA THR A 125 -7.10 4.39 -2.73
C THR A 125 -7.82 3.68 -1.58
N PRO A 126 -7.34 2.51 -1.10
CA PRO A 126 -8.07 1.81 -0.03
C PRO A 126 -8.00 2.63 1.27
N PRO A 127 -9.06 2.55 2.10
CA PRO A 127 -9.04 3.27 3.37
C PRO A 127 -7.86 2.86 4.25
N LEU A 128 -7.18 3.83 4.88
CA LEU A 128 -6.08 3.51 5.79
C LEU A 128 -6.65 2.73 6.99
N SER A 129 -5.88 1.81 7.46
CA SER A 129 -6.21 1.04 8.63
C SER A 129 -5.80 1.87 9.85
N TRP A 130 -6.42 1.61 11.00
CA TRP A 130 -6.12 2.27 12.25
C TRP A 130 -4.62 2.18 12.57
N HIS A 131 -4.07 0.96 12.41
CA HIS A 131 -2.66 0.65 12.62
C HIS A 131 -1.78 1.54 11.75
N MET A 132 -2.15 1.72 10.47
CA MET A 132 -1.39 2.59 9.59
C MET A 132 -1.51 4.08 9.96
N ARG A 133 -2.72 4.57 10.23
CA ARG A 133 -2.89 5.98 10.64
C ARG A 133 -2.09 6.28 11.95
N CYS A 134 -1.87 5.25 12.78
CA CYS A 134 -1.09 5.32 14.03
C CYS A 134 0.37 5.53 13.76
N LYS A 135 0.90 4.84 12.77
CA LYS A 135 2.30 4.99 12.42
C LYS A 135 2.51 6.38 11.77
N ILE A 136 1.54 6.85 10.96
CA ILE A 136 1.57 8.13 10.27
C ILE A 136 1.58 9.28 11.26
N ALA A 137 0.82 9.17 12.36
CA ALA A 137 0.82 10.19 13.40
C ALA A 137 2.18 10.22 14.08
N GLN A 138 2.76 9.03 14.39
CA GLN A 138 4.04 8.91 15.07
C GLN A 138 5.14 9.52 14.24
N GLY A 139 5.16 9.21 12.95
CA GLY A 139 6.07 9.82 12.00
C GLY A 139 5.91 11.32 11.94
N ALA A 140 4.69 11.84 11.68
CA ALA A 140 4.48 13.30 11.67
C ALA A 140 4.84 14.01 13.00
N ALA A 141 4.71 13.33 14.17
CA ALA A 141 5.11 13.94 15.45
C ALA A 141 6.62 13.91 15.60
N ASN A 142 7.30 12.88 15.04
CA ASN A 142 8.76 12.78 15.01
C ASN A 142 9.37 13.84 14.06
N GLY A 143 8.61 14.18 13.02
CA GLY A 143 8.97 15.20 12.06
C GLY A 143 8.82 16.55 12.70
N ILE A 144 7.61 16.85 13.23
CA ILE A 144 7.37 18.12 13.91
C ILE A 144 8.31 18.31 15.10
N ASN A 145 8.86 17.23 15.66
CA ASN A 145 9.81 17.32 16.75
C ASN A 145 11.17 17.79 16.25
N PHE A 146 11.70 17.22 15.15
CA PHE A 146 12.98 17.61 14.55
C PHE A 146 12.99 19.10 14.21
N LEU A 147 11.85 19.62 13.69
CA LEU A 147 11.72 21.03 13.34
C LEU A 147 11.81 21.90 14.56
N HIS A 148 11.10 21.54 15.61
CA HIS A 148 11.08 22.30 16.84
C HIS A 148 12.46 22.23 17.53
N GLU A 149 13.13 21.06 17.49
CA GLU A 149 14.47 20.85 18.04
C GLU A 149 15.48 21.77 17.33
N ASN A 150 15.31 21.96 16.02
CA ASN A 150 16.17 22.83 15.23
C ASN A 150 15.64 24.27 15.16
N HIS A 151 14.84 24.68 16.17
CA HIS A 151 14.27 26.01 16.35
C HIS A 151 13.55 26.54 15.13
N HIS A 152 12.57 25.79 14.64
CA HIS A 152 11.74 26.22 13.51
C HIS A 152 10.27 25.97 13.82
N ILE A 153 9.41 26.89 13.40
CA ILE A 153 7.96 26.75 13.55
C ILE A 153 7.41 26.63 12.16
N HIS A 154 6.68 25.54 11.89
CA HIS A 154 6.15 25.25 10.58
C HIS A 154 5.18 26.32 10.08
N ARG A 155 4.18 26.68 10.90
CA ARG A 155 3.15 27.68 10.60
C ARG A 155 2.10 27.22 9.59
N ASP A 156 2.02 25.91 9.27
CA ASP A 156 1.03 25.41 8.31
C ASP A 156 0.81 23.88 8.44
N ILE A 157 0.74 23.37 9.67
CA ILE A 157 0.51 21.96 9.96
C ILE A 157 -0.94 21.51 9.68
N LYS A 158 -1.08 20.68 8.65
CA LYS A 158 -2.34 20.17 8.19
C LYS A 158 -2.13 18.87 7.43
N SER A 159 -3.19 18.06 7.29
CA SER A 159 -3.08 16.77 6.63
C SER A 159 -2.65 16.88 5.17
N ALA A 160 -3.01 17.96 4.46
CA ALA A 160 -2.56 18.14 3.08
C ALA A 160 -1.00 18.29 3.01
N ASN A 161 -0.39 18.83 4.12
CA ASN A 161 1.05 19.03 4.32
C ASN A 161 1.82 17.84 4.96
N ILE A 162 1.17 16.69 5.12
CA ILE A 162 1.81 15.49 5.63
C ILE A 162 1.79 14.53 4.48
N LEU A 163 2.95 14.20 3.92
CA LEU A 163 2.98 13.30 2.76
C LEU A 163 3.35 11.83 3.16
N LEU A 164 2.93 10.86 2.34
CA LEU A 164 3.19 9.44 2.58
C LEU A 164 4.04 8.80 1.47
N ASP A 165 5.22 8.25 1.82
CA ASP A 165 6.09 7.59 0.83
C ASP A 165 5.48 6.21 0.46
N GLU A 166 6.29 5.35 -0.20
CA GLU A 166 6.02 3.98 -0.65
C GLU A 166 5.60 3.09 0.53
N ALA A 167 6.26 3.22 1.69
CA ALA A 167 5.98 2.47 2.91
C ALA A 167 4.93 3.17 3.83
N PHE A 168 4.45 4.36 3.42
CA PHE A 168 3.53 5.21 4.16
C PHE A 168 4.22 5.98 5.29
N THR A 169 5.52 6.24 5.15
CA THR A 169 6.29 7.03 6.12
C THR A 169 5.83 8.44 5.97
N ALA A 170 5.28 9.02 7.05
CA ALA A 170 4.82 10.39 7.06
C ALA A 170 5.99 11.38 6.98
N LYS A 171 5.99 12.21 5.94
CA LYS A 171 6.95 13.25 5.74
C LYS A 171 6.25 14.61 5.68
N ILE A 172 6.42 15.43 6.72
CA ILE A 172 5.83 16.77 6.76
C ILE A 172 6.55 17.68 5.68
N SER A 173 5.75 18.49 4.93
CA SER A 173 6.13 19.32 3.78
C SER A 173 5.66 20.80 3.91
N ASP A 174 5.99 21.65 2.91
CA ASP A 174 5.64 23.07 2.86
C ASP A 174 6.27 23.90 3.98
N PHE A 175 7.48 24.41 3.73
CA PHE A 175 8.23 25.23 4.68
C PHE A 175 8.39 26.70 4.20
N GLY A 176 7.55 27.15 3.27
CA GLY A 176 7.60 28.52 2.79
C GLY A 176 7.21 29.55 3.85
N LEU A 177 6.35 29.13 4.78
CA LEU A 177 5.84 29.91 5.91
C LEU A 177 6.60 29.64 7.21
N ALA A 178 7.66 28.83 7.19
CA ALA A 178 8.40 28.50 8.41
C ALA A 178 9.14 29.69 9.02
N ARG A 179 9.20 29.73 10.36
CA ARG A 179 9.85 30.81 11.08
C ARG A 179 10.93 30.29 12.01
N ALA A 180 11.93 31.13 12.30
CA ALA A 180 12.97 30.78 13.24
C ALA A 180 12.44 31.01 14.66
N SER A 181 12.44 29.98 15.50
CA SER A 181 11.97 30.10 16.88
C SER A 181 13.05 30.80 17.73
N VAL A 188 6.06 36.13 19.17
CA VAL A 188 6.13 37.37 18.37
C VAL A 188 4.81 37.62 17.57
N MET A 189 4.71 38.71 16.78
CA MET A 189 3.48 39.00 16.03
C MET A 189 3.73 39.32 14.55
N TPO A 190 2.67 39.35 13.73
CA TPO A 190 2.81 39.63 12.31
CB TPO A 190 3.04 38.36 11.43
CG2 TPO A 190 1.84 37.39 11.45
OG1 TPO A 190 3.25 38.69 10.03
P TPO A 190 4.69 39.07 9.60
O1P TPO A 190 4.91 40.59 9.78
O2P TPO A 190 4.82 38.73 8.11
O3P TPO A 190 5.79 38.33 10.40
C TPO A 190 1.66 40.49 11.76
O TPO A 190 0.55 40.49 12.30
N SEP A 191 1.94 41.17 10.62
CA SEP A 191 1.04 42.04 9.85
CB SEP A 191 1.75 43.34 9.31
OG SEP A 191 3.15 43.18 8.86
C SEP A 191 0.36 41.30 8.67
O SEP A 191 -0.63 41.79 8.12
P SEP A 191 4.17 44.29 9.36
O1P SEP A 191 5.44 44.28 8.49
O2P SEP A 191 4.61 44.00 10.81
O3P SEP A 191 3.57 45.70 9.26
N ARG A 192 0.92 40.13 8.28
CA ARG A 192 0.39 39.27 7.22
C ARG A 192 0.03 37.90 7.84
N ILE A 193 -1.25 37.73 8.26
CA ILE A 193 -1.73 36.49 8.89
C ILE A 193 -1.93 35.39 7.83
N VAL A 194 -1.16 34.29 7.95
CA VAL A 194 -1.18 33.19 6.97
C VAL A 194 -1.37 31.80 7.59
N GLY A 195 -1.89 30.89 6.77
CA GLY A 195 -2.17 29.50 7.14
C GLY A 195 -3.55 29.07 6.68
N THR A 196 -4.02 27.91 7.18
CA THR A 196 -5.35 27.39 6.85
C THR A 196 -6.23 27.51 8.08
N THR A 197 -7.31 28.30 7.97
CA THR A 197 -8.20 28.64 9.07
C THR A 197 -8.66 27.46 9.87
N ALA A 198 -9.10 26.38 9.20
CA ALA A 198 -9.62 25.17 9.83
C ALA A 198 -8.67 24.49 10.84
N TYR A 199 -7.35 24.73 10.72
CA TYR A 199 -6.39 24.10 11.63
C TYR A 199 -5.70 25.10 12.56
N MET A 200 -5.70 26.39 12.19
CA MET A 200 -4.99 27.43 12.96
C MET A 200 -5.46 27.63 14.40
N ALA A 201 -4.50 27.70 15.31
CA ALA A 201 -4.69 28.00 16.73
C ALA A 201 -5.36 29.38 16.90
N PRO A 202 -6.07 29.61 18.02
CA PRO A 202 -6.71 30.91 18.22
C PRO A 202 -5.71 32.08 18.14
N GLU A 203 -4.56 31.95 18.82
CA GLU A 203 -3.54 33.00 18.82
C GLU A 203 -2.91 33.20 17.44
N ALA A 204 -2.82 32.13 16.64
CA ALA A 204 -2.30 32.20 15.28
C ALA A 204 -3.25 32.98 14.37
N LEU A 205 -4.57 32.89 14.61
CA LEU A 205 -5.59 33.64 13.86
C LEU A 205 -5.51 35.14 14.18
N ARG A 206 -4.97 35.51 15.35
CA ARG A 206 -4.78 36.90 15.76
C ARG A 206 -3.58 37.47 15.01
N GLY A 207 -2.47 36.76 15.04
CA GLY A 207 -1.21 37.16 14.46
C GLY A 207 0.00 36.67 15.23
N GLU A 208 -0.20 36.00 16.39
CA GLU A 208 0.89 35.48 17.18
C GLU A 208 1.64 34.38 16.42
N ILE A 209 2.95 34.30 16.66
CA ILE A 209 3.78 33.28 16.05
C ILE A 209 4.48 32.53 17.20
N THR A 210 4.17 31.24 17.36
CA THR A 210 4.69 30.43 18.46
C THR A 210 4.68 28.93 18.10
N PRO A 211 5.68 28.14 18.54
CA PRO A 211 5.63 26.70 18.26
C PRO A 211 4.41 25.99 18.90
N LYS A 212 3.74 26.65 19.84
CA LYS A 212 2.54 26.13 20.49
C LYS A 212 1.39 26.05 19.47
N SER A 213 1.36 26.94 18.46
CA SER A 213 0.33 26.95 17.45
C SER A 213 0.43 25.68 16.58
N ASP A 214 1.66 25.17 16.33
CA ASP A 214 1.90 23.96 15.55
C ASP A 214 1.27 22.74 16.23
N ILE A 215 1.34 22.69 17.58
CA ILE A 215 0.74 21.62 18.39
C ILE A 215 -0.76 21.61 18.18
N TYR A 216 -1.38 22.79 18.18
CA TYR A 216 -2.82 22.92 17.99
C TYR A 216 -3.22 22.42 16.62
N SER A 217 -2.50 22.84 15.57
CA SER A 217 -2.79 22.38 14.21
C SER A 217 -2.67 20.84 14.09
N PHE A 218 -1.73 20.25 14.82
CA PHE A 218 -1.54 18.81 14.85
C PHE A 218 -2.69 18.09 15.58
N GLY A 219 -3.31 18.75 16.54
CA GLY A 219 -4.47 18.23 17.26
C GLY A 219 -5.63 18.03 16.30
N VAL A 220 -5.84 19.00 15.38
CA VAL A 220 -6.87 18.93 14.33
C VAL A 220 -6.54 17.76 13.34
N VAL A 221 -5.25 17.51 13.10
CA VAL A 221 -4.78 16.42 12.25
C VAL A 221 -5.05 15.10 12.91
N LEU A 222 -4.87 14.97 14.24
CA LEU A 222 -5.22 13.72 14.94
C LEU A 222 -6.71 13.47 14.87
N LEU A 223 -7.54 14.54 14.88
CA LEU A 223 -8.98 14.41 14.74
C LEU A 223 -9.36 13.96 13.34
N GLU A 224 -8.63 14.43 12.32
CA GLU A 224 -8.92 14.04 10.94
C GLU A 224 -8.64 12.57 10.77
N ILE A 225 -7.51 12.09 11.33
CA ILE A 225 -7.09 10.69 11.32
C ILE A 225 -8.12 9.79 12.00
N ILE A 226 -8.65 10.20 13.15
CA ILE A 226 -9.67 9.40 13.85
C ILE A 226 -11.02 9.29 13.12
N THR A 227 -11.48 10.38 12.54
CA THR A 227 -12.82 10.44 11.94
C THR A 227 -12.90 10.27 10.42
N GLY A 228 -11.79 10.44 9.75
CA GLY A 228 -11.76 10.43 8.29
C GLY A 228 -12.35 11.66 7.64
N LEU A 229 -12.82 12.65 8.47
CA LEU A 229 -13.41 13.89 7.99
C LEU A 229 -12.37 14.98 7.85
N PRO A 230 -12.42 15.79 6.77
CA PRO A 230 -11.47 16.91 6.64
C PRO A 230 -11.78 18.02 7.67
N ALA A 231 -10.77 18.85 8.05
CA ALA A 231 -10.98 19.90 9.08
C ALA A 231 -12.14 20.85 8.80
N VAL A 232 -12.39 21.13 7.51
CA VAL A 232 -13.50 21.98 7.12
C VAL A 232 -14.24 21.36 5.95
N ASP A 233 -15.56 21.25 6.06
CA ASP A 233 -16.41 20.78 4.97
C ASP A 233 -17.59 21.74 4.86
N GLU A 234 -17.68 22.43 3.72
CA GLU A 234 -18.73 23.41 3.45
C GLU A 234 -20.13 22.76 3.54
N HIS A 235 -20.27 21.58 2.92
CA HIS A 235 -21.54 20.86 2.92
C HIS A 235 -21.66 19.86 4.07
N ARG A 236 -21.29 20.27 5.30
CA ARG A 236 -21.36 19.40 6.46
C ARG A 236 -21.78 20.17 7.70
N GLU A 237 -22.45 19.48 8.63
CA GLU A 237 -22.87 20.07 9.89
C GLU A 237 -22.28 19.22 11.00
N PRO A 238 -21.35 19.75 11.79
CA PRO A 238 -20.80 21.11 11.72
C PRO A 238 -19.71 21.27 10.66
N GLN A 239 -19.59 22.48 10.09
CA GLN A 239 -18.59 22.73 9.07
C GLN A 239 -17.14 22.62 9.59
N LEU A 240 -16.92 22.75 10.89
CA LEU A 240 -15.59 22.66 11.48
C LEU A 240 -15.46 21.42 12.31
N LEU A 241 -14.36 20.68 12.08
CA LEU A 241 -14.09 19.45 12.83
C LEU A 241 -13.85 19.77 14.32
N LEU A 242 -13.31 20.98 14.63
CA LEU A 242 -13.08 21.47 15.99
C LEU A 242 -14.39 21.51 16.76
N ASP A 243 -15.52 21.87 16.11
CA ASP A 243 -16.84 21.91 16.76
C ASP A 243 -17.20 20.55 17.37
N ILE A 244 -16.87 19.46 16.68
CA ILE A 244 -17.12 18.09 17.14
C ILE A 244 -16.43 17.82 18.49
N LYS A 245 -15.27 18.48 18.76
CA LYS A 245 -14.56 18.36 20.04
C LYS A 245 -15.44 18.96 21.15
N GLU A 246 -16.11 20.10 20.88
CA GLU A 246 -16.99 20.74 21.84
C GLU A 246 -18.18 19.83 22.16
N GLU A 247 -18.79 19.20 21.13
CA GLU A 247 -19.91 18.27 21.29
C GLU A 247 -19.54 17.09 22.18
N ILE A 248 -18.29 16.63 22.09
CA ILE A 248 -17.82 15.51 22.91
C ILE A 248 -17.58 15.97 24.34
N GLU A 249 -16.96 17.16 24.52
CA GLU A 249 -16.68 17.75 25.83
C GLU A 249 -17.96 18.00 26.61
N ASP A 250 -19.03 18.44 25.93
CA ASP A 250 -20.31 18.70 26.58
C ASP A 250 -21.21 17.46 26.68
N GLU A 251 -20.62 16.25 26.60
CA GLU A 251 -21.28 14.93 26.67
C GLU A 251 -22.43 14.74 25.63
N GLU A 252 -22.58 15.67 24.69
CA GLU A 252 -23.60 15.64 23.64
C GLU A 252 -23.36 14.51 22.60
N LYS A 253 -22.09 14.10 22.45
CA LYS A 253 -21.65 13.04 21.55
C LYS A 253 -20.38 12.35 22.18
N THR A 254 -19.99 11.18 21.67
CA THR A 254 -18.75 10.52 22.12
C THR A 254 -17.74 10.41 20.94
N ILE A 255 -16.47 10.05 21.22
CA ILE A 255 -15.51 9.88 20.12
C ILE A 255 -15.89 8.61 19.32
N GLU A 256 -16.48 7.59 19.97
CA GLU A 256 -16.97 6.36 19.34
C GLU A 256 -18.03 6.65 18.26
N ASP A 257 -18.79 7.73 18.43
CA ASP A 257 -19.79 8.13 17.43
C ASP A 257 -19.16 8.77 16.18
N TYR A 258 -17.89 9.18 16.26
CA TYR A 258 -17.22 9.87 15.16
C TYR A 258 -16.11 9.08 14.48
N ILE A 259 -15.66 7.94 15.08
CA ILE A 259 -14.64 7.07 14.51
C ILE A 259 -14.96 6.71 13.06
N ASP A 260 -13.97 6.81 12.19
CA ASP A 260 -14.13 6.51 10.78
C ASP A 260 -14.70 5.09 10.55
N LYS A 261 -15.87 5.00 9.89
CA LYS A 261 -16.45 3.68 9.61
C LYS A 261 -15.66 2.88 8.53
N LYS A 262 -14.83 3.60 7.72
CA LYS A 262 -13.99 3.01 6.70
C LYS A 262 -12.75 2.30 7.27
N MET A 263 -12.83 1.81 8.49
CA MET A 263 -11.83 0.96 9.08
C MET A 263 -12.52 -0.16 9.86
N ASN A 264 -11.78 -1.23 10.10
CA ASN A 264 -12.30 -2.37 10.84
C ASN A 264 -11.39 -2.81 12.02
N ASP A 265 -10.18 -2.24 12.12
CA ASP A 265 -9.19 -2.56 13.14
C ASP A 265 -9.04 -1.49 14.25
N ALA A 266 -9.99 -0.54 14.34
CA ALA A 266 -9.90 0.50 15.36
C ALA A 266 -10.46 -0.02 16.65
N ASP A 267 -9.70 0.11 17.74
CA ASP A 267 -10.20 -0.34 19.03
C ASP A 267 -10.44 0.86 19.93
N SER A 268 -11.39 0.75 20.86
CA SER A 268 -11.73 1.85 21.74
C SER A 268 -10.56 2.36 22.61
N THR A 269 -9.78 1.46 23.23
CA THR A 269 -8.64 1.83 24.08
C THR A 269 -7.65 2.76 23.37
N SER A 270 -7.19 2.40 22.16
CA SER A 270 -6.24 3.23 21.41
C SER A 270 -6.89 4.44 20.74
N VAL A 271 -8.18 4.35 20.38
CA VAL A 271 -8.88 5.49 19.78
C VAL A 271 -9.05 6.59 20.83
N GLU A 272 -9.38 6.22 22.08
CA GLU A 272 -9.53 7.19 23.16
C GLU A 272 -8.19 7.72 23.67
N ALA A 273 -7.09 6.95 23.49
CA ALA A 273 -5.74 7.40 23.83
C ALA A 273 -5.28 8.45 22.79
N MET A 274 -5.62 8.24 21.50
CA MET A 274 -5.31 9.19 20.46
C MET A 274 -6.17 10.43 20.61
N TYR A 275 -7.44 10.26 20.98
CA TYR A 275 -8.33 11.40 21.19
C TYR A 275 -7.86 12.24 22.39
N SER A 276 -7.28 11.60 23.43
CA SER A 276 -6.73 12.26 24.60
C SER A 276 -5.58 13.19 24.16
N VAL A 277 -4.67 12.71 23.27
CA VAL A 277 -3.56 13.51 22.77
C VAL A 277 -4.09 14.71 22.01
N ALA A 278 -5.09 14.48 21.14
CA ALA A 278 -5.73 15.52 20.34
C ALA A 278 -6.41 16.57 21.20
N SER A 279 -7.15 16.16 22.26
CA SER A 279 -7.83 17.10 23.15
C SER A 279 -6.80 17.91 23.98
N GLN A 280 -5.66 17.30 24.33
CA GLN A 280 -4.58 18.02 25.00
C GLN A 280 -3.99 19.06 24.05
N CYS A 281 -3.82 18.71 22.77
CA CYS A 281 -3.29 19.60 21.74
C CYS A 281 -4.25 20.76 21.46
N LEU A 282 -5.59 20.53 21.62
CA LEU A 282 -6.61 21.53 21.34
C LEU A 282 -7.05 22.35 22.55
N HIS A 283 -6.16 22.55 23.53
CA HIS A 283 -6.44 23.44 24.66
C HIS A 283 -6.40 24.86 24.07
N GLU A 284 -7.47 25.64 24.26
CA GLU A 284 -7.55 26.97 23.67
C GLU A 284 -6.49 27.96 24.23
N LYS A 285 -5.97 27.67 25.44
CA LYS A 285 -4.92 28.46 26.09
C LYS A 285 -3.54 27.80 25.80
N LYS A 286 -2.73 28.48 24.98
CA LYS A 286 -1.43 28.01 24.47
C LYS A 286 -0.50 27.32 25.48
N ASN A 287 -0.39 27.82 26.71
CA ASN A 287 0.50 27.24 27.70
C ASN A 287 -0.03 25.95 28.36
N LYS A 288 -1.30 25.60 28.10
CA LYS A 288 -1.87 24.37 28.64
C LYS A 288 -1.57 23.14 27.73
N ARG A 289 -1.26 23.39 26.42
CA ARG A 289 -0.93 22.39 25.40
C ARG A 289 0.41 21.69 25.69
N PRO A 290 0.57 20.39 25.33
CA PRO A 290 1.85 19.73 25.59
C PRO A 290 2.94 20.09 24.57
N ASP A 291 4.21 19.90 24.93
CA ASP A 291 5.32 20.13 24.01
C ASP A 291 5.37 18.96 23.00
N ILE A 292 6.02 19.17 21.84
CA ILE A 292 6.07 18.15 20.81
C ILE A 292 6.76 16.85 21.31
N LYS A 293 7.66 16.95 22.30
CA LYS A 293 8.30 15.77 22.87
C LYS A 293 7.31 14.96 23.73
N LYS A 294 6.33 15.65 24.35
CA LYS A 294 5.29 15.01 25.17
C LYS A 294 4.24 14.38 24.27
N VAL A 295 3.88 15.05 23.15
CA VAL A 295 2.94 14.53 22.17
C VAL A 295 3.52 13.26 21.51
N GLN A 296 4.83 13.31 21.20
CA GLN A 296 5.59 12.20 20.60
C GLN A 296 5.66 11.02 21.57
N GLN A 297 5.80 11.30 22.89
CA GLN A 297 5.85 10.29 23.93
C GLN A 297 4.50 9.60 24.09
N LEU A 298 3.41 10.38 24.06
CA LEU A 298 2.06 9.86 24.18
C LEU A 298 1.65 8.98 23.00
N LEU A 299 2.03 9.36 21.76
CA LEU A 299 1.72 8.53 20.60
C LEU A 299 2.50 7.21 20.65
N GLN A 300 3.73 7.23 21.17
CA GLN A 300 4.53 6.01 21.30
C GLN A 300 3.98 5.11 22.41
N GLU A 301 3.40 5.70 23.47
CA GLU A 301 2.80 4.94 24.56
C GLU A 301 1.45 4.33 24.17
N MET A 302 0.75 4.94 23.20
CA MET A 302 -0.55 4.52 22.67
C MET A 302 -0.47 3.13 21.98
N THR A 303 0.67 2.85 21.33
CA THR A 303 0.90 1.60 20.62
C THR A 303 1.84 0.63 21.37
N THR B 8 -20.39 -14.51 -22.28
CA THR B 8 -20.11 -13.11 -21.92
C THR B 8 -19.33 -12.40 -23.03
N ARG B 9 -19.86 -11.26 -23.48
CA ARG B 9 -19.22 -10.47 -24.53
C ARG B 9 -18.25 -9.42 -23.96
N PHE B 10 -17.06 -9.34 -24.57
CA PHE B 10 -16.01 -8.37 -24.23
C PHE B 10 -15.90 -7.35 -25.36
N HIS B 11 -15.29 -6.18 -25.09
CA HIS B 11 -15.16 -5.15 -26.13
C HIS B 11 -14.19 -5.57 -27.23
N SER B 12 -14.63 -5.46 -28.48
CA SER B 12 -13.80 -5.81 -29.62
C SER B 12 -12.99 -4.58 -30.06
N PHE B 13 -11.68 -4.60 -29.78
CA PHE B 13 -10.81 -3.48 -30.15
C PHE B 13 -10.09 -3.76 -31.45
N SER B 14 -9.70 -2.70 -32.16
CA SER B 14 -8.88 -2.87 -33.36
C SER B 14 -7.41 -2.69 -32.90
N PHE B 15 -6.49 -3.38 -33.56
CA PHE B 15 -5.07 -3.32 -33.20
C PHE B 15 -4.50 -1.90 -33.24
N TYR B 16 -4.97 -1.11 -34.17
CA TYR B 16 -4.54 0.26 -34.35
C TYR B 16 -5.05 1.17 -33.19
N GLU B 17 -6.17 0.77 -32.53
CA GLU B 17 -6.81 1.47 -31.42
C GLU B 17 -6.01 1.24 -30.15
N LEU B 18 -5.64 -0.02 -29.87
CA LEU B 18 -4.80 -0.36 -28.73
C LEU B 18 -3.37 0.15 -28.87
N LYS B 19 -2.93 0.37 -30.09
CA LYS B 19 -1.61 0.91 -30.39
C LYS B 19 -1.54 2.35 -29.85
N ASN B 20 -2.63 3.10 -29.99
CA ASN B 20 -2.71 4.46 -29.52
C ASN B 20 -2.65 4.46 -27.98
N VAL B 21 -3.51 3.65 -27.32
CA VAL B 21 -3.60 3.59 -25.86
C VAL B 21 -2.31 3.13 -25.16
N THR B 22 -1.40 2.46 -25.87
CA THR B 22 -0.16 2.00 -25.25
C THR B 22 1.09 2.73 -25.76
N ASN B 23 0.92 3.95 -26.30
CA ASN B 23 2.02 4.78 -26.81
C ASN B 23 2.87 4.03 -27.83
N ASN B 24 2.18 3.29 -28.74
CA ASN B 24 2.75 2.43 -29.77
C ASN B 24 3.58 1.31 -29.15
N PHE B 25 3.08 0.71 -28.08
CA PHE B 25 3.74 -0.37 -27.34
C PHE B 25 5.18 0.01 -26.96
N ASP B 26 5.32 1.06 -26.15
CA ASP B 26 6.62 1.55 -25.70
C ASP B 26 7.29 0.48 -24.85
N GLU B 27 8.47 0.01 -25.28
CA GLU B 27 9.20 -1.03 -24.57
C GLU B 27 9.91 -0.55 -23.30
N ARG B 28 10.03 0.78 -23.11
CA ARG B 28 10.65 1.36 -21.92
C ARG B 28 9.84 0.98 -20.68
N PRO B 29 10.50 0.73 -19.54
CA PRO B 29 9.74 0.37 -18.34
C PRO B 29 8.94 1.54 -17.81
N ILE B 30 7.79 1.25 -17.22
CA ILE B 30 6.91 2.25 -16.63
C ILE B 30 7.65 3.11 -15.58
N SER B 31 8.67 2.54 -14.90
CA SER B 31 9.46 3.23 -13.88
C SER B 31 10.28 4.35 -14.50
N VAL B 32 10.83 4.11 -15.70
CA VAL B 32 11.64 5.05 -16.50
C VAL B 32 10.74 6.16 -17.12
N GLY B 33 9.56 5.77 -17.54
CA GLY B 33 8.57 6.64 -18.19
C GLY B 33 7.87 6.02 -19.41
N GLY B 34 8.10 4.73 -19.63
CA GLY B 34 7.50 4.01 -20.75
C GLY B 34 6.22 3.26 -20.42
N ASN B 35 5.92 2.21 -21.21
CA ASN B 35 4.69 1.46 -21.00
C ASN B 35 4.88 0.02 -20.57
N LYS B 36 6.03 -0.60 -20.88
CA LYS B 36 6.25 -2.01 -20.52
C LYS B 36 6.19 -2.25 -19.01
N MET B 37 5.31 -3.15 -18.59
CA MET B 37 5.13 -3.48 -17.17
C MET B 37 5.66 -4.85 -16.78
N GLY B 38 5.71 -5.75 -17.73
CA GLY B 38 6.17 -7.12 -17.53
C GLY B 38 6.10 -7.92 -18.80
N GLU B 39 6.50 -9.20 -18.71
CA GLU B 39 6.47 -10.10 -19.87
C GLU B 39 6.74 -11.55 -19.53
N GLY B 40 6.11 -12.42 -20.32
CA GLY B 40 6.27 -13.85 -20.21
C GLY B 40 6.77 -14.43 -21.52
N GLY B 41 6.59 -15.74 -21.66
CA GLY B 41 6.99 -16.44 -22.88
C GLY B 41 5.95 -16.31 -23.98
N PHE B 42 4.70 -15.98 -23.62
CA PHE B 42 3.64 -15.83 -24.59
C PHE B 42 3.31 -14.38 -24.97
N GLY B 43 3.95 -13.39 -24.35
CA GLY B 43 3.69 -12.00 -24.68
C GLY B 43 4.24 -10.96 -23.70
N VAL B 44 4.08 -9.67 -24.05
CA VAL B 44 4.53 -8.52 -23.24
C VAL B 44 3.33 -7.67 -22.77
N VAL B 45 3.28 -7.32 -21.47
CA VAL B 45 2.22 -6.52 -20.86
C VAL B 45 2.60 -5.03 -20.88
N TYR B 46 1.68 -4.18 -21.37
CA TYR B 46 1.88 -2.75 -21.48
C TYR B 46 0.81 -2.00 -20.71
N LYS B 47 1.17 -0.89 -20.08
CA LYS B 47 0.18 -0.03 -19.42
C LYS B 47 -0.53 0.76 -20.54
N GLY B 48 -1.81 1.05 -20.34
CA GLY B 48 -2.59 1.79 -21.30
C GLY B 48 -3.68 2.62 -20.65
N TYR B 49 -4.32 3.50 -21.43
CA TYR B 49 -5.44 4.29 -20.93
C TYR B 49 -6.58 4.22 -21.94
N VAL B 50 -7.68 3.56 -21.58
CA VAL B 50 -8.86 3.49 -22.42
C VAL B 50 -9.90 4.38 -21.79
N ASN B 51 -9.91 5.65 -22.24
CA ASN B 51 -10.72 6.76 -21.72
C ASN B 51 -9.94 7.20 -20.48
N ASN B 52 -10.58 7.18 -19.32
CA ASN B 52 -9.95 7.45 -18.05
C ASN B 52 -9.63 6.14 -17.30
N THR B 53 -9.82 4.99 -17.94
CA THR B 53 -9.55 3.69 -17.35
C THR B 53 -8.13 3.27 -17.65
N THR B 54 -7.33 3.04 -16.59
CA THR B 54 -5.97 2.51 -16.77
C THR B 54 -6.13 1.02 -17.03
N VAL B 55 -5.48 0.48 -18.07
CA VAL B 55 -5.60 -0.91 -18.50
C VAL B 55 -4.22 -1.59 -18.68
N ALA B 56 -4.23 -2.92 -18.83
CA ALA B 56 -3.03 -3.67 -19.12
C ALA B 56 -3.30 -4.35 -20.44
N VAL B 57 -2.50 -4.10 -21.47
CA VAL B 57 -2.66 -4.73 -22.76
C VAL B 57 -1.55 -5.75 -22.97
N LYS B 58 -1.92 -7.02 -23.05
CA LYS B 58 -0.99 -8.12 -23.25
C LYS B 58 -0.91 -8.43 -24.76
N LYS B 59 0.21 -8.02 -25.39
CA LYS B 59 0.42 -8.26 -26.82
C LYS B 59 1.13 -9.59 -27.00
N LEU B 60 0.37 -10.63 -27.36
CA LEU B 60 0.87 -12.00 -27.55
C LEU B 60 1.95 -12.09 -28.63
N ALA B 61 3.02 -12.85 -28.36
CA ALA B 61 4.13 -13.04 -29.29
C ALA B 61 4.85 -14.35 -29.02
N ALA B 62 5.26 -15.06 -30.09
CA ALA B 62 5.95 -16.34 -29.97
C ALA B 62 7.40 -16.17 -29.47
N THR B 67 3.03 -23.48 -33.60
CA THR B 67 2.98 -22.58 -32.46
C THR B 67 2.11 -21.35 -32.75
N THR B 68 1.85 -20.99 -34.02
CA THR B 68 0.96 -19.86 -34.32
C THR B 68 -0.50 -20.28 -34.07
N GLU B 69 -0.88 -21.49 -34.51
CA GLU B 69 -2.24 -22.00 -34.24
C GLU B 69 -2.39 -22.38 -32.75
N GLU B 70 -1.27 -22.69 -32.05
CA GLU B 70 -1.19 -23.00 -30.63
C GLU B 70 -1.40 -21.71 -29.84
N LEU B 71 -0.76 -20.60 -30.28
CA LEU B 71 -0.88 -19.26 -29.69
C LEU B 71 -2.28 -18.69 -29.91
N LYS B 72 -2.94 -19.06 -31.01
CA LYS B 72 -4.32 -18.69 -31.32
C LYS B 72 -5.27 -19.50 -30.43
N GLN B 73 -4.98 -20.79 -30.19
CA GLN B 73 -5.78 -21.64 -29.31
C GLN B 73 -5.74 -21.13 -27.87
N GLN B 74 -4.59 -20.58 -27.43
CA GLN B 74 -4.45 -20.02 -26.08
C GLN B 74 -5.24 -18.72 -25.94
N PHE B 75 -5.25 -17.90 -26.99
CA PHE B 75 -5.98 -16.64 -27.06
C PHE B 75 -7.48 -16.94 -26.97
N ASP B 76 -7.95 -17.97 -27.70
CA ASP B 76 -9.37 -18.37 -27.68
C ASP B 76 -9.75 -19.04 -26.35
N GLN B 77 -8.79 -19.72 -25.70
CA GLN B 77 -9.04 -20.39 -24.42
C GLN B 77 -9.17 -19.37 -23.28
N GLU B 78 -8.32 -18.32 -23.32
CA GLU B 78 -8.33 -17.24 -22.33
C GLU B 78 -9.71 -16.55 -22.37
N ILE B 79 -10.17 -16.20 -23.58
CA ILE B 79 -11.44 -15.56 -23.80
C ILE B 79 -12.63 -16.46 -23.39
N LYS B 80 -12.57 -17.75 -23.75
CA LYS B 80 -13.67 -18.67 -23.41
C LYS B 80 -13.83 -18.90 -21.90
N VAL B 81 -12.70 -18.97 -21.15
CA VAL B 81 -12.76 -19.16 -19.69
C VAL B 81 -13.20 -17.86 -18.98
N MET B 82 -12.71 -16.70 -19.47
CA MET B 82 -13.08 -15.38 -18.94
C MET B 82 -14.59 -15.08 -19.13
N ALA B 83 -15.19 -15.67 -20.17
CA ALA B 83 -16.60 -15.56 -20.50
C ALA B 83 -17.47 -16.31 -19.46
N LYS B 84 -16.97 -17.44 -18.99
CA LYS B 84 -17.67 -18.27 -18.04
C LYS B 84 -17.45 -17.80 -16.59
N CYS B 85 -16.18 -17.57 -16.23
CA CYS B 85 -15.75 -17.31 -14.87
C CYS B 85 -15.52 -15.86 -14.49
N GLN B 86 -16.31 -15.46 -13.50
CA GLN B 86 -16.24 -14.12 -12.95
C GLN B 86 -16.27 -14.21 -11.44
N HIS B 87 -15.17 -13.79 -10.83
CA HIS B 87 -14.99 -13.81 -9.40
C HIS B 87 -14.08 -12.63 -8.97
N GLU B 88 -14.14 -12.26 -7.68
CA GLU B 88 -13.33 -11.17 -7.12
C GLU B 88 -11.85 -11.51 -7.02
N ASN B 89 -11.55 -12.80 -6.91
CA ASN B 89 -10.20 -13.32 -6.86
C ASN B 89 -9.78 -13.94 -8.20
N LEU B 90 -10.35 -13.44 -9.31
CA LEU B 90 -10.04 -13.79 -10.69
C LEU B 90 -9.95 -12.48 -11.42
N VAL B 91 -8.89 -12.32 -12.18
CA VAL B 91 -8.67 -11.09 -12.94
C VAL B 91 -9.77 -10.90 -14.02
N GLU B 92 -10.08 -9.64 -14.39
CA GLU B 92 -11.15 -9.38 -15.36
C GLU B 92 -10.66 -8.97 -16.78
N LEU B 93 -11.20 -9.66 -17.81
CA LEU B 93 -10.92 -9.33 -19.20
C LEU B 93 -11.87 -8.21 -19.62
N LEU B 94 -11.33 -7.15 -20.19
CA LEU B 94 -12.13 -6.03 -20.63
C LEU B 94 -12.47 -6.22 -22.12
N GLY B 95 -11.44 -6.48 -22.91
CA GLY B 95 -11.57 -6.69 -24.34
C GLY B 95 -10.42 -7.45 -24.97
N PHE B 96 -10.32 -7.38 -26.30
CA PHE B 96 -9.30 -8.10 -27.07
C PHE B 96 -9.16 -7.53 -28.50
N SER B 97 -8.15 -7.96 -29.25
CA SER B 97 -7.90 -7.55 -30.63
C SER B 97 -7.37 -8.79 -31.35
N SER B 98 -8.05 -9.24 -32.39
CA SER B 98 -7.61 -10.44 -33.12
C SER B 98 -7.29 -10.20 -34.60
N ASP B 99 -7.47 -8.94 -35.08
CA ASP B 99 -7.20 -8.60 -36.47
C ASP B 99 -5.72 -8.74 -36.87
N GLY B 100 -5.48 -9.61 -37.86
CA GLY B 100 -4.14 -9.92 -38.35
C GLY B 100 -3.44 -10.93 -37.47
N ASP B 101 -2.09 -10.90 -37.48
CA ASP B 101 -1.31 -11.83 -36.66
C ASP B 101 -0.98 -11.25 -35.26
N ASP B 102 -1.65 -10.15 -34.86
CA ASP B 102 -1.42 -9.44 -33.61
C ASP B 102 -2.55 -9.63 -32.63
N LEU B 103 -2.45 -10.67 -31.81
CA LEU B 103 -3.46 -10.96 -30.81
C LEU B 103 -3.16 -10.17 -29.55
N CYS B 104 -4.06 -9.26 -29.16
CA CYS B 104 -3.93 -8.47 -27.93
C CYS B 104 -5.08 -8.80 -26.98
N LEU B 105 -4.82 -8.73 -25.69
CA LEU B 105 -5.85 -8.96 -24.69
C LEU B 105 -5.82 -7.77 -23.73
N VAL B 106 -6.98 -7.21 -23.39
CA VAL B 106 -7.05 -6.02 -22.53
C VAL B 106 -7.64 -6.35 -21.17
N TYR B 107 -6.96 -6.00 -20.09
CA TYR B 107 -7.44 -6.29 -18.73
C TYR B 107 -7.43 -5.02 -17.88
N VAL B 108 -8.01 -5.10 -16.68
CA VAL B 108 -8.01 -3.99 -15.73
C VAL B 108 -6.57 -3.87 -15.19
N TYR B 109 -6.14 -2.62 -14.88
CA TYR B 109 -4.79 -2.41 -14.40
C TYR B 109 -4.71 -2.74 -12.93
N MET B 110 -3.75 -3.60 -12.56
CA MET B 110 -3.48 -4.04 -11.20
C MET B 110 -2.39 -3.13 -10.60
N PRO B 111 -2.75 -2.17 -9.72
CA PRO B 111 -1.78 -1.21 -9.18
C PRO B 111 -0.58 -1.80 -8.48
N ASN B 112 -0.69 -3.05 -8.01
CA ASN B 112 0.43 -3.65 -7.30
C ASN B 112 1.08 -4.80 -8.05
N GLY B 113 0.87 -4.88 -9.36
CA GLY B 113 1.48 -5.87 -10.23
C GLY B 113 1.27 -7.30 -9.82
N SER B 114 2.34 -8.10 -9.85
CA SER B 114 2.24 -9.51 -9.48
C SER B 114 2.83 -9.83 -8.14
N LEU B 115 2.39 -10.96 -7.56
CA LEU B 115 2.90 -11.49 -6.30
C LEU B 115 4.39 -11.77 -6.41
N LEU B 116 4.87 -12.25 -7.57
CA LEU B 116 6.30 -12.50 -7.81
C LEU B 116 7.12 -11.20 -7.57
N ASP B 117 6.77 -10.14 -8.26
CA ASP B 117 7.44 -8.84 -8.17
C ASP B 117 7.31 -8.18 -6.82
N ARG B 118 6.20 -8.44 -6.10
CA ARG B 118 6.05 -7.85 -4.77
C ARG B 118 6.87 -8.60 -3.74
N LEU B 119 7.00 -9.91 -3.88
CA LEU B 119 7.86 -10.69 -2.99
C LEU B 119 9.35 -10.33 -3.22
N SER B 120 9.73 -10.01 -4.46
CA SER B 120 11.11 -9.62 -4.74
C SER B 120 11.36 -8.11 -4.60
N CYS B 121 10.31 -7.30 -4.32
CA CYS B 121 10.35 -5.81 -4.19
C CYS B 121 10.83 -5.14 -5.47
N LEU B 122 10.45 -5.67 -6.65
CA LEU B 122 10.81 -5.12 -7.95
C LEU B 122 10.35 -3.66 -8.05
N ASP B 123 11.26 -2.80 -8.54
CA ASP B 123 11.02 -1.37 -8.66
C ASP B 123 10.97 -0.63 -7.33
N GLY B 124 11.41 -1.28 -6.25
CA GLY B 124 11.53 -0.67 -4.94
C GLY B 124 10.30 -0.65 -4.09
N THR B 125 9.35 -1.57 -4.33
CA THR B 125 8.13 -1.61 -3.51
C THR B 125 8.46 -2.09 -2.09
N PRO B 126 7.76 -1.64 -1.03
CA PRO B 126 8.10 -2.12 0.32
C PRO B 126 7.78 -3.61 0.48
N PRO B 127 8.57 -4.33 1.30
CA PRO B 127 8.31 -5.76 1.50
C PRO B 127 6.91 -6.02 2.02
N LEU B 128 6.20 -7.04 1.53
CA LEU B 128 4.86 -7.37 2.05
C LEU B 128 5.02 -7.89 3.49
N SER B 129 4.05 -7.59 4.33
CA SER B 129 4.08 -8.04 5.72
C SER B 129 3.39 -9.40 5.80
N TRP B 130 3.69 -10.17 6.85
CA TRP B 130 3.09 -11.48 7.08
C TRP B 130 1.57 -11.46 7.01
N HIS B 131 0.99 -10.39 7.54
CA HIS B 131 -0.47 -10.16 7.54
C HIS B 131 -0.98 -10.02 6.10
N MET B 132 -0.28 -9.24 5.25
CA MET B 132 -0.69 -9.12 3.86
C MET B 132 -0.48 -10.43 3.08
N ARG B 133 0.64 -11.12 3.29
CA ARG B 133 0.96 -12.39 2.64
C ARG B 133 -0.11 -13.47 2.88
N CYS B 134 -0.73 -13.41 4.08
CA CYS B 134 -1.80 -14.27 4.55
C CYS B 134 -3.07 -14.00 3.78
N LYS B 135 -3.44 -12.72 3.65
CA LYS B 135 -4.67 -12.38 2.94
C LYS B 135 -4.53 -12.77 1.45
N ILE B 136 -3.31 -12.59 0.88
CA ILE B 136 -2.98 -12.90 -0.49
C ILE B 136 -3.10 -14.40 -0.74
N ALA B 137 -2.62 -15.21 0.19
CA ALA B 137 -2.74 -16.66 0.08
C ALA B 137 -4.21 -17.08 0.10
N GLN B 138 -5.01 -16.48 0.98
CA GLN B 138 -6.42 -16.80 1.10
C GLN B 138 -7.19 -16.40 -0.15
N GLY B 139 -6.85 -15.25 -0.71
CA GLY B 139 -7.44 -14.76 -1.95
C GLY B 139 -7.12 -15.68 -3.11
N ALA B 140 -5.85 -16.04 -3.26
CA ALA B 140 -5.44 -16.99 -4.30
C ALA B 140 -6.11 -18.38 -4.15
N ALA B 141 -6.39 -18.82 -2.90
CA ALA B 141 -7.10 -20.09 -2.67
C ALA B 141 -8.55 -20.00 -3.09
N ASN B 142 -9.21 -18.89 -2.80
CA ASN B 142 -10.61 -18.68 -3.12
C ASN B 142 -10.79 -18.55 -4.64
N GLY B 143 -9.82 -17.95 -5.33
CA GLY B 143 -9.85 -17.77 -6.77
C GLY B 143 -9.70 -19.07 -7.51
N ILE B 144 -8.77 -19.92 -7.02
CA ILE B 144 -8.57 -21.26 -7.53
C ILE B 144 -9.79 -22.14 -7.15
N ASN B 145 -10.40 -21.92 -5.97
CA ASN B 145 -11.57 -22.67 -5.60
C ASN B 145 -12.71 -22.44 -6.59
N PHE B 146 -12.98 -21.19 -6.98
CA PHE B 146 -14.02 -20.86 -7.97
C PHE B 146 -13.75 -21.56 -9.30
N LEU B 147 -12.47 -21.63 -9.71
CA LEU B 147 -12.07 -22.30 -10.95
C LEU B 147 -12.36 -23.80 -10.90
N HIS B 148 -11.99 -24.46 -9.79
CA HIS B 148 -12.22 -25.91 -9.60
C HIS B 148 -13.73 -26.23 -9.37
N GLU B 149 -14.49 -25.27 -8.82
CA GLU B 149 -15.93 -25.41 -8.66
C GLU B 149 -16.60 -25.36 -10.03
N ASN B 150 -16.09 -24.50 -10.94
CA ASN B 150 -16.60 -24.38 -12.30
C ASN B 150 -15.90 -25.31 -13.29
N HIS B 151 -15.33 -26.43 -12.78
CA HIS B 151 -14.68 -27.49 -13.53
C HIS B 151 -13.62 -26.99 -14.50
N HIS B 152 -12.63 -26.25 -13.99
CA HIS B 152 -11.51 -25.77 -14.80
C HIS B 152 -10.20 -26.01 -14.08
N ILE B 153 -9.15 -26.38 -14.82
CA ILE B 153 -7.81 -26.60 -14.29
C ILE B 153 -6.95 -25.50 -14.90
N HIS B 154 -6.31 -24.70 -14.07
CA HIS B 154 -5.51 -23.57 -14.52
C HIS B 154 -4.35 -23.99 -15.37
N ARG B 155 -3.55 -24.96 -14.86
CA ARG B 155 -2.35 -25.54 -15.49
C ARG B 155 -1.08 -24.62 -15.47
N ASP B 156 -1.19 -23.40 -14.91
CA ASP B 156 -0.05 -22.51 -14.82
C ASP B 156 -0.08 -21.65 -13.56
N ILE B 157 -0.47 -22.26 -12.45
CA ILE B 157 -0.48 -21.57 -11.18
C ILE B 157 0.96 -21.26 -10.73
N LYS B 158 1.24 -19.96 -10.54
CA LYS B 158 2.54 -19.46 -10.12
C LYS B 158 2.37 -18.02 -9.63
N SER B 159 3.34 -17.54 -8.84
CA SER B 159 3.26 -16.18 -8.28
C SER B 159 3.23 -15.08 -9.32
N ALA B 160 3.86 -15.27 -10.47
CA ALA B 160 3.80 -14.26 -11.56
C ALA B 160 2.35 -14.09 -12.09
N ASN B 161 1.57 -15.18 -12.03
CA ASN B 161 0.19 -15.23 -12.44
C ASN B 161 -0.80 -14.90 -11.32
N ILE B 162 -0.34 -14.47 -10.12
CA ILE B 162 -1.25 -14.01 -9.05
C ILE B 162 -1.06 -12.51 -8.97
N LEU B 163 -2.00 -11.75 -9.49
CA LEU B 163 -1.90 -10.30 -9.51
C LEU B 163 -2.54 -9.62 -8.29
N LEU B 164 -2.11 -8.38 -7.97
CA LEU B 164 -2.55 -7.66 -6.77
C LEU B 164 -3.11 -6.27 -7.08
N ASP B 165 -4.38 -6.00 -6.73
CA ASP B 165 -5.05 -4.72 -7.00
C ASP B 165 -4.66 -3.61 -5.98
N GLU B 166 -5.31 -2.43 -5.99
CA GLU B 166 -4.99 -1.34 -5.06
C GLU B 166 -5.03 -1.82 -3.58
N ALA B 167 -6.00 -2.69 -3.22
CA ALA B 167 -6.14 -3.20 -1.86
C ALA B 167 -5.33 -4.49 -1.60
N PHE B 168 -4.48 -4.92 -2.58
CA PHE B 168 -3.72 -6.15 -2.53
C PHE B 168 -4.63 -7.36 -2.56
N THR B 169 -5.74 -7.27 -3.31
CA THR B 169 -6.63 -8.41 -3.49
C THR B 169 -5.97 -9.25 -4.55
N ALA B 170 -5.75 -10.52 -4.23
CA ALA B 170 -5.08 -11.42 -5.14
C ALA B 170 -6.03 -11.91 -6.24
N LYS B 171 -5.53 -11.98 -7.47
CA LYS B 171 -6.30 -12.38 -8.62
C LYS B 171 -5.56 -13.38 -9.47
N ILE B 172 -6.17 -14.53 -9.75
CA ILE B 172 -5.57 -15.53 -10.60
C ILE B 172 -5.68 -14.99 -12.03
N SER B 173 -4.56 -15.03 -12.77
CA SER B 173 -4.44 -14.56 -14.16
C SER B 173 -3.86 -15.66 -15.09
N ASP B 174 -3.84 -15.43 -16.41
CA ASP B 174 -3.33 -16.34 -17.43
C ASP B 174 -4.12 -17.67 -17.53
N PHE B 175 -5.17 -17.68 -18.35
CA PHE B 175 -6.02 -18.84 -18.57
C PHE B 175 -5.88 -19.42 -20.00
N GLY B 176 -4.80 -19.10 -20.70
CA GLY B 176 -4.57 -19.60 -22.04
C GLY B 176 -4.34 -21.10 -22.08
N LEU B 177 -3.80 -21.65 -20.97
CA LEU B 177 -3.49 -23.05 -20.77
C LEU B 177 -4.59 -23.79 -19.98
N ALA B 178 -5.71 -23.14 -19.65
CA ALA B 178 -6.75 -23.76 -18.85
C ALA B 178 -7.47 -24.89 -19.55
N ARG B 179 -7.86 -25.92 -18.78
CA ARG B 179 -8.56 -27.10 -19.30
C ARG B 179 -9.88 -27.36 -18.60
N ALA B 180 -10.81 -28.00 -19.30
CA ALA B 180 -12.10 -28.37 -18.70
C ALA B 180 -11.90 -29.64 -17.89
N SER B 181 -12.25 -29.61 -16.62
CA SER B 181 -12.13 -30.80 -15.76
C SER B 181 -13.31 -31.75 -16.03
N VAL B 188 -6.31 -37.25 -17.55
CA VAL B 188 -6.08 -37.37 -18.99
C VAL B 188 -4.59 -37.07 -19.36
N MET B 189 -4.19 -37.16 -20.64
CA MET B 189 -2.79 -36.90 -21.03
C MET B 189 -2.66 -35.93 -22.21
N TPO B 190 -1.44 -35.44 -22.48
CA TPO B 190 -1.23 -34.52 -23.60
CB TPO B 190 -1.37 -33.02 -23.18
CG2 TPO B 190 -0.31 -32.57 -22.17
OG1 TPO B 190 -1.25 -32.13 -24.33
P TPO B 190 -2.52 -31.87 -25.20
O1P TPO B 190 -2.34 -30.50 -25.85
O2P TPO B 190 -3.81 -31.88 -24.41
O3P TPO B 190 -2.62 -32.93 -26.29
C TPO B 190 0.09 -34.76 -24.33
O TPO B 190 1.05 -35.30 -23.76
N SEP B 191 0.17 -34.29 -25.60
CA SEP B 191 1.37 -34.36 -26.46
CB SEP B 191 1.19 -34.91 -27.92
OG SEP B 191 0.40 -34.09 -28.82
C SEP B 191 2.16 -33.03 -26.46
O SEP B 191 3.31 -33.02 -26.93
P SEP B 191 -0.93 -34.83 -29.26
O1P SEP B 191 -0.77 -35.25 -30.71
O2P SEP B 191 -2.12 -33.86 -29.16
O3P SEP B 191 -1.26 -36.09 -28.43
N ARG B 192 1.56 -31.93 -25.98
CA ARG B 192 2.20 -30.62 -25.84
C ARG B 192 2.27 -30.30 -24.34
N ILE B 193 3.40 -30.64 -23.67
CA ILE B 193 3.59 -30.41 -22.24
C ILE B 193 3.91 -28.94 -21.96
N VAL B 194 3.02 -28.27 -21.20
CA VAL B 194 3.17 -26.83 -20.93
C VAL B 194 3.07 -26.43 -19.44
N GLY B 195 3.69 -25.30 -19.14
CA GLY B 195 3.70 -24.72 -17.81
C GLY B 195 5.08 -24.21 -17.44
N THR B 196 5.30 -23.88 -16.14
CA THR B 196 6.60 -23.43 -15.65
C THR B 196 7.20 -24.54 -14.79
N THR B 197 8.38 -25.07 -15.21
CA THR B 197 9.02 -26.22 -14.60
C THR B 197 9.13 -26.13 -13.09
N ALA B 198 9.54 -24.98 -12.57
CA ALA B 198 9.75 -24.74 -11.15
C ALA B 198 8.53 -24.97 -10.27
N TYR B 199 7.32 -24.90 -10.82
CA TYR B 199 6.09 -25.09 -10.05
C TYR B 199 5.34 -26.38 -10.40
N MET B 200 5.60 -26.94 -11.59
CA MET B 200 4.87 -28.10 -12.10
C MET B 200 4.97 -29.38 -11.31
N ALA B 201 3.82 -30.00 -11.04
CA ALA B 201 3.70 -31.30 -10.39
C ALA B 201 4.46 -32.38 -11.17
N PRO B 202 4.91 -33.46 -10.51
CA PRO B 202 5.62 -34.53 -11.25
C PRO B 202 4.82 -35.09 -12.43
N GLU B 203 3.54 -35.40 -12.19
CA GLU B 203 2.66 -35.95 -13.20
C GLU B 203 2.43 -34.96 -14.36
N ALA B 204 2.39 -33.65 -14.04
CA ALA B 204 2.22 -32.60 -15.02
C ALA B 204 3.44 -32.50 -15.93
N LEU B 205 4.66 -32.77 -15.39
CA LEU B 205 5.92 -32.79 -16.16
C LEU B 205 5.95 -33.95 -17.18
N ARG B 206 5.12 -34.99 -16.97
CA ARG B 206 5.02 -36.07 -17.94
C ARG B 206 3.62 -36.14 -18.57
N GLY B 207 3.06 -34.97 -18.86
CA GLY B 207 1.80 -34.89 -19.59
C GLY B 207 0.47 -35.05 -18.90
N GLU B 208 0.38 -35.68 -17.70
CA GLU B 208 -0.93 -35.83 -17.03
C GLU B 208 -1.63 -34.49 -16.81
N ILE B 209 -2.95 -34.50 -16.90
CA ILE B 209 -3.74 -33.29 -16.69
C ILE B 209 -4.76 -33.60 -15.60
N THR B 210 -4.66 -32.92 -14.45
CA THR B 210 -5.51 -33.17 -13.28
C THR B 210 -5.57 -31.93 -12.38
N PRO B 211 -6.72 -31.64 -11.74
CA PRO B 211 -6.78 -30.47 -10.83
C PRO B 211 -5.86 -30.62 -9.62
N LYS B 212 -5.40 -31.84 -9.28
CA LYS B 212 -4.45 -32.01 -8.17
C LYS B 212 -3.07 -31.39 -8.53
N SER B 213 -2.71 -31.29 -9.85
CA SER B 213 -1.45 -30.65 -10.26
C SER B 213 -1.47 -29.15 -9.87
N ASP B 214 -2.66 -28.50 -9.92
CA ASP B 214 -2.82 -27.10 -9.56
C ASP B 214 -2.53 -26.91 -8.07
N ILE B 215 -2.96 -27.86 -7.23
CA ILE B 215 -2.72 -27.84 -5.78
C ILE B 215 -1.20 -27.86 -5.53
N TYR B 216 -0.46 -28.69 -6.27
CA TYR B 216 0.99 -28.80 -6.16
C TYR B 216 1.65 -27.47 -6.50
N SER B 217 1.26 -26.86 -7.62
CA SER B 217 1.82 -25.58 -8.04
C SER B 217 1.54 -24.48 -6.98
N PHE B 218 0.38 -24.56 -6.31
CA PHE B 218 0.03 -23.65 -5.25
C PHE B 218 0.87 -23.86 -3.99
N GLY B 219 1.31 -25.09 -3.75
CA GLY B 219 2.20 -25.41 -2.65
C GLY B 219 3.52 -24.69 -2.79
N VAL B 220 4.07 -24.63 -4.03
CA VAL B 220 5.29 -23.89 -4.37
C VAL B 220 5.08 -22.36 -4.17
N VAL B 221 3.86 -21.88 -4.42
CA VAL B 221 3.46 -20.50 -4.23
C VAL B 221 3.43 -20.18 -2.75
N LEU B 222 2.92 -21.09 -1.91
CA LEU B 222 2.94 -20.87 -0.45
C LEU B 222 4.37 -20.79 0.05
N LEU B 223 5.29 -21.59 -0.53
CA LEU B 223 6.70 -21.56 -0.17
C LEU B 223 7.34 -20.23 -0.60
N GLU B 224 6.93 -19.67 -1.73
CA GLU B 224 7.49 -18.41 -2.21
C GLU B 224 7.09 -17.30 -1.25
N ILE B 225 5.80 -17.30 -0.83
CA ILE B 225 5.24 -16.36 0.12
C ILE B 225 5.99 -16.41 1.46
N ILE B 226 6.28 -17.63 1.98
CA ILE B 226 6.98 -17.81 3.26
C ILE B 226 8.45 -17.33 3.22
N THR B 227 9.16 -17.63 2.16
CA THR B 227 10.60 -17.36 2.08
C THR B 227 11.03 -16.10 1.34
N GLY B 228 10.15 -15.55 0.53
CA GLY B 228 10.46 -14.42 -0.34
C GLY B 228 11.32 -14.78 -1.53
N LEU B 229 11.66 -16.07 -1.69
CA LEU B 229 12.49 -16.55 -2.78
C LEU B 229 11.63 -17.02 -3.95
N PRO B 230 12.02 -16.70 -5.20
CA PRO B 230 11.27 -17.23 -6.36
C PRO B 230 11.46 -18.75 -6.54
N ALA B 231 10.53 -19.46 -7.17
CA ALA B 231 10.63 -20.93 -7.31
C ALA B 231 11.94 -21.43 -7.95
N VAL B 232 12.49 -20.64 -8.87
CA VAL B 232 13.75 -20.97 -9.49
C VAL B 232 14.64 -19.73 -9.55
N ASP B 233 15.89 -19.86 -9.09
CA ASP B 233 16.86 -18.78 -9.18
C ASP B 233 18.15 -19.39 -9.70
N GLU B 234 18.59 -18.91 -10.86
CA GLU B 234 19.79 -19.37 -11.54
C GLU B 234 21.04 -19.16 -10.65
N HIS B 235 21.15 -17.97 -10.05
CA HIS B 235 22.27 -17.62 -9.19
C HIS B 235 22.00 -17.93 -7.72
N ARG B 236 21.44 -19.12 -7.43
CA ARG B 236 21.13 -19.52 -6.05
C ARG B 236 21.38 -20.99 -5.82
N GLU B 237 21.74 -21.37 -4.59
CA GLU B 237 21.97 -22.74 -4.21
C GLU B 237 21.04 -23.04 -3.03
N PRO B 238 20.03 -23.91 -3.19
CA PRO B 238 19.72 -24.66 -4.41
C PRO B 238 18.92 -23.83 -5.41
N GLN B 239 19.06 -24.13 -6.71
CA GLN B 239 18.35 -23.38 -7.74
C GLN B 239 16.83 -23.60 -7.69
N LEU B 240 16.36 -24.68 -7.05
CA LEU B 240 14.93 -24.96 -6.96
C LEU B 240 14.45 -24.82 -5.55
N LEU B 241 13.37 -24.06 -5.36
CA LEU B 241 12.75 -23.86 -4.06
C LEU B 241 12.22 -25.20 -3.52
N LEU B 242 11.82 -26.13 -4.44
CA LEU B 242 11.35 -27.50 -4.18
C LEU B 242 12.43 -28.31 -3.42
N ASP B 243 13.72 -28.03 -3.67
CA ASP B 243 14.83 -28.69 -2.99
C ASP B 243 14.83 -28.37 -1.51
N ILE B 244 14.54 -27.09 -1.15
CA ILE B 244 14.48 -26.65 0.23
C ILE B 244 13.44 -27.44 1.06
N LYS B 245 12.35 -27.93 0.42
CA LYS B 245 11.34 -28.75 1.09
C LYS B 245 11.97 -30.09 1.50
N GLU B 246 12.82 -30.65 0.62
CA GLU B 246 13.52 -31.91 0.90
C GLU B 246 14.48 -31.74 2.08
N GLU B 247 15.24 -30.62 2.12
CA GLU B 247 16.16 -30.29 3.21
C GLU B 247 15.44 -30.21 4.55
N ILE B 248 14.20 -29.70 4.55
CA ILE B 248 13.41 -29.59 5.77
C ILE B 248 12.87 -30.96 6.19
N GLU B 249 12.40 -31.75 5.20
CA GLU B 249 11.87 -33.10 5.45
C GLU B 249 12.93 -34.02 6.04
N ASP B 250 14.18 -33.89 5.56
CA ASP B 250 15.28 -34.71 6.06
C ASP B 250 15.95 -34.12 7.30
N GLU B 251 15.26 -33.22 8.05
CA GLU B 251 15.73 -32.53 9.25
C GLU B 251 17.05 -31.76 9.08
N GLU B 252 17.56 -31.64 7.84
CA GLU B 252 18.81 -30.93 7.51
C GLU B 252 18.70 -29.40 7.71
N LYS B 253 17.47 -28.86 7.64
CA LYS B 253 17.11 -27.45 7.84
C LYS B 253 15.67 -27.36 8.41
N THR B 254 15.26 -26.19 8.94
CA THR B 254 13.88 -25.99 9.41
C THR B 254 13.19 -24.87 8.58
N ILE B 255 11.85 -24.71 8.71
CA ILE B 255 11.17 -23.62 7.98
C ILE B 255 11.58 -22.27 8.58
N GLU B 256 11.88 -22.21 9.91
CA GLU B 256 12.37 -21.01 10.60
C GLU B 256 13.68 -20.48 9.98
N ASP B 257 14.50 -21.37 9.44
CA ASP B 257 15.74 -20.99 8.79
C ASP B 257 15.52 -20.36 7.40
N TYR B 258 14.31 -20.49 6.82
CA TYR B 258 14.02 -20.01 5.49
C TYR B 258 13.01 -18.85 5.44
N ILE B 259 12.30 -18.57 6.56
CA ILE B 259 11.34 -17.46 6.65
C ILE B 259 11.94 -16.15 6.15
N ASP B 260 11.20 -15.43 5.32
CA ASP B 260 11.66 -14.18 4.74
C ASP B 260 12.12 -13.19 5.83
N LYS B 261 13.39 -12.77 5.78
CA LYS B 261 13.91 -11.81 6.75
C LYS B 261 13.28 -10.40 6.57
N LYS B 262 12.78 -10.10 5.35
CA LYS B 262 12.15 -8.82 5.00
C LYS B 262 10.73 -8.65 5.55
N MET B 263 10.41 -9.27 6.67
CA MET B 263 9.14 -9.04 7.35
C MET B 263 9.39 -9.04 8.88
N ASN B 264 8.68 -8.17 9.64
CA ASN B 264 8.89 -8.10 11.10
C ASN B 264 7.71 -8.62 11.94
N ASP B 265 6.58 -8.91 11.28
CA ASP B 265 5.34 -9.35 11.92
C ASP B 265 5.03 -10.84 11.80
N ALA B 266 6.01 -11.67 11.41
CA ALA B 266 5.78 -13.09 11.29
C ALA B 266 5.94 -13.80 12.62
N ASP B 267 5.04 -14.72 12.96
CA ASP B 267 5.13 -15.54 14.18
C ASP B 267 5.20 -17.02 13.78
N SER B 268 6.07 -17.82 14.44
CA SER B 268 6.31 -19.25 14.19
C SER B 268 5.03 -20.10 14.05
N THR B 269 4.05 -19.90 14.95
CA THR B 269 2.81 -20.69 14.93
C THR B 269 2.06 -20.62 13.59
N SER B 270 1.74 -19.42 13.05
CA SER B 270 1.02 -19.35 11.78
C SER B 270 1.95 -19.58 10.57
N VAL B 271 3.28 -19.37 10.73
CA VAL B 271 4.21 -19.66 9.65
C VAL B 271 4.33 -21.20 9.44
N GLU B 272 4.39 -21.99 10.54
CA GLU B 272 4.40 -23.45 10.47
C GLU B 272 3.04 -24.02 10.06
N ALA B 273 1.93 -23.27 10.28
CA ALA B 273 0.60 -23.67 9.84
C ALA B 273 0.52 -23.48 8.32
N MET B 274 1.14 -22.42 7.78
CA MET B 274 1.19 -22.21 6.35
C MET B 274 2.13 -23.20 5.69
N TYR B 275 3.26 -23.54 6.34
CA TYR B 275 4.19 -24.53 5.82
C TYR B 275 3.55 -25.91 5.80
N SER B 276 2.67 -26.22 6.78
CA SER B 276 1.93 -27.47 6.84
C SER B 276 1.04 -27.61 5.60
N VAL B 277 0.31 -26.52 5.23
CA VAL B 277 -0.56 -26.51 4.06
C VAL B 277 0.28 -26.76 2.81
N ALA B 278 1.42 -26.06 2.69
CA ALA B 278 2.36 -26.18 1.56
C ALA B 278 2.93 -27.59 1.45
N SER B 279 3.32 -28.21 2.57
CA SER B 279 3.86 -29.58 2.61
C SER B 279 2.79 -30.60 2.20
N GLN B 280 1.53 -30.35 2.59
CA GLN B 280 0.41 -31.20 2.20
C GLN B 280 0.16 -31.06 0.69
N CYS B 281 0.29 -29.85 0.15
CA CYS B 281 0.12 -29.57 -1.27
C CYS B 281 1.25 -30.21 -2.12
N LEU B 282 2.46 -30.25 -1.57
CA LEU B 282 3.63 -30.75 -2.29
C LEU B 282 3.86 -32.27 -2.20
N HIS B 283 2.84 -33.02 -1.79
CA HIS B 283 2.90 -34.48 -1.67
C HIS B 283 3.42 -35.17 -2.92
N GLU B 284 4.10 -36.31 -2.71
CA GLU B 284 4.63 -37.18 -3.75
C GLU B 284 3.41 -37.72 -4.54
N LYS B 285 2.42 -38.28 -3.80
CA LYS B 285 1.21 -38.85 -4.37
C LYS B 285 0.12 -37.80 -4.59
N LYS B 286 -0.30 -37.60 -5.85
CA LYS B 286 -1.33 -36.64 -6.25
C LYS B 286 -2.65 -36.85 -5.52
N ASN B 287 -2.98 -38.12 -5.22
CA ASN B 287 -4.24 -38.41 -4.51
C ASN B 287 -4.13 -38.14 -3.00
N LYS B 288 -2.90 -38.00 -2.44
CA LYS B 288 -2.69 -37.70 -1.02
C LYS B 288 -2.79 -36.18 -0.71
N ARG B 289 -2.68 -35.32 -1.74
CA ARG B 289 -2.79 -33.88 -1.64
C ARG B 289 -4.24 -33.46 -1.26
N PRO B 290 -4.43 -32.31 -0.57
CA PRO B 290 -5.80 -31.89 -0.23
C PRO B 290 -6.52 -31.21 -1.39
N ASP B 291 -7.86 -31.25 -1.36
CA ASP B 291 -8.67 -30.56 -2.35
C ASP B 291 -8.61 -29.04 -2.08
N ILE B 292 -8.95 -28.22 -3.08
CA ILE B 292 -8.86 -26.77 -2.94
C ILE B 292 -9.80 -26.25 -1.83
N LYS B 293 -10.90 -26.97 -1.52
CA LYS B 293 -11.80 -26.58 -0.43
C LYS B 293 -11.14 -26.83 0.95
N LYS B 294 -10.27 -27.86 1.03
CA LYS B 294 -9.54 -28.20 2.25
C LYS B 294 -8.37 -27.23 2.44
N VAL B 295 -7.70 -26.84 1.35
CA VAL B 295 -6.59 -25.87 1.38
C VAL B 295 -7.14 -24.50 1.82
N GLN B 296 -8.31 -24.13 1.29
CA GLN B 296 -9.03 -22.90 1.60
C GLN B 296 -9.47 -22.88 3.06
N GLN B 297 -9.88 -24.03 3.60
CA GLN B 297 -10.30 -24.17 4.99
C GLN B 297 -9.09 -24.00 5.93
N LEU B 298 -7.95 -24.61 5.57
CA LEU B 298 -6.73 -24.54 6.37
C LEU B 298 -6.15 -23.12 6.42
N LEU B 299 -6.19 -22.40 5.29
CA LEU B 299 -5.69 -21.03 5.22
C LEU B 299 -6.57 -20.04 5.99
N GLN B 300 -7.87 -20.36 6.14
CA GLN B 300 -8.81 -19.57 6.94
C GLN B 300 -8.64 -19.89 8.43
N GLU B 301 -8.30 -21.14 8.77
CA GLU B 301 -8.07 -21.54 10.16
C GLU B 301 -6.74 -20.98 10.71
N MET B 302 -5.76 -20.75 9.82
CA MET B 302 -4.42 -20.23 10.13
C MET B 302 -4.47 -18.81 10.72
N THR B 303 -5.43 -18.00 10.28
CA THR B 303 -5.61 -16.62 10.73
C THR B 303 -6.82 -16.43 11.66
N THR C 8 39.10 10.30 27.26
CA THR C 8 38.54 10.84 28.49
C THR C 8 37.59 12.05 28.25
N ARG C 9 37.11 12.23 27.00
CA ARG C 9 36.17 13.30 26.66
C ARG C 9 34.71 12.79 26.55
N PHE C 10 34.42 11.59 27.06
CA PHE C 10 33.10 10.95 26.96
C PHE C 10 32.51 10.65 28.34
N HIS C 11 31.20 10.40 28.42
CA HIS C 11 30.55 10.12 29.70
C HIS C 11 30.97 8.77 30.27
N SER C 12 31.39 8.76 31.53
CA SER C 12 31.77 7.52 32.19
C SER C 12 30.55 6.90 32.85
N PHE C 13 30.05 5.79 32.27
CA PHE C 13 28.88 5.10 32.81
C PHE C 13 29.28 3.93 33.70
N SER C 14 28.39 3.56 34.61
CA SER C 14 28.59 2.35 35.41
C SER C 14 27.84 1.21 34.71
N PHE C 15 28.36 -0.01 34.83
CA PHE C 15 27.76 -1.15 34.18
C PHE C 15 26.32 -1.40 34.59
N TYR C 16 25.94 -1.07 35.83
CA TYR C 16 24.58 -1.29 36.29
C TYR C 16 23.61 -0.25 35.72
N GLU C 17 24.08 0.96 35.34
CA GLU C 17 23.20 1.95 34.70
C GLU C 17 22.78 1.41 33.33
N LEU C 18 23.75 0.89 32.57
CA LEU C 18 23.53 0.33 31.26
C LEU C 18 22.68 -0.94 31.29
N LYS C 19 22.69 -1.70 32.39
CA LYS C 19 21.82 -2.87 32.55
C LYS C 19 20.38 -2.38 32.62
N ASN C 20 20.13 -1.30 33.35
CA ASN C 20 18.79 -0.75 33.48
C ASN C 20 18.30 -0.22 32.13
N VAL C 21 19.07 0.66 31.47
CA VAL C 21 18.71 1.28 30.20
C VAL C 21 18.52 0.27 29.04
N THR C 22 19.09 -0.95 29.14
CA THR C 22 18.94 -1.94 28.07
C THR C 22 18.07 -3.14 28.47
N ASN C 23 17.17 -2.97 29.47
CA ASN C 23 16.28 -4.02 29.96
C ASN C 23 17.03 -5.31 30.32
N ASN C 24 18.17 -5.14 31.01
CA ASN C 24 19.12 -6.18 31.41
C ASN C 24 19.69 -6.90 30.20
N PHE C 25 20.04 -6.14 29.15
CA PHE C 25 20.58 -6.67 27.90
C PHE C 25 19.70 -7.77 27.32
N ASP C 26 18.44 -7.43 27.00
CA ASP C 26 17.47 -8.37 26.45
C ASP C 26 17.95 -8.86 25.10
N GLU C 27 18.16 -10.17 24.98
CA GLU C 27 18.66 -10.77 23.73
C GLU C 27 17.61 -10.86 22.63
N ARG C 28 16.32 -10.68 22.96
CA ARG C 28 15.24 -10.73 21.97
C ARG C 28 15.42 -9.59 20.98
N PRO C 29 15.09 -9.82 19.69
CA PRO C 29 15.24 -8.73 18.71
C PRO C 29 14.22 -7.63 18.95
N ILE C 30 14.57 -6.38 18.58
CA ILE C 30 13.66 -5.23 18.73
C ILE C 30 12.32 -5.47 18.00
N SER C 31 12.32 -6.25 16.88
CA SER C 31 11.13 -6.61 16.11
C SER C 31 10.19 -7.55 16.91
N VAL C 32 10.78 -8.39 17.79
CA VAL C 32 10.11 -9.31 18.71
C VAL C 32 9.88 -8.73 20.13
N GLY C 33 10.11 -7.43 20.30
CA GLY C 33 9.87 -6.70 21.54
C GLY C 33 11.04 -6.58 22.49
N GLY C 34 12.21 -7.03 22.08
CA GLY C 34 13.41 -6.97 22.90
C GLY C 34 14.32 -5.80 22.65
N ASN C 35 15.62 -5.97 22.99
CA ASN C 35 16.61 -4.90 22.85
C ASN C 35 17.72 -5.16 21.85
N LYS C 36 18.03 -6.44 21.55
CA LYS C 36 19.09 -6.73 20.60
C LYS C 36 18.82 -6.15 19.20
N MET C 37 19.76 -5.38 18.69
CA MET C 37 19.65 -4.74 17.38
C MET C 37 20.60 -5.33 16.32
N GLY C 38 21.69 -5.92 16.77
CA GLY C 38 22.71 -6.49 15.91
C GLY C 38 23.86 -7.06 16.71
N GLU C 39 24.84 -7.64 16.00
CA GLU C 39 26.01 -8.23 16.66
C GLU C 39 27.12 -8.60 15.70
N GLY C 40 28.35 -8.52 16.20
CA GLY C 40 29.54 -8.92 15.47
C GLY C 40 30.28 -10.00 16.24
N GLY C 41 31.55 -10.20 15.88
CA GLY C 41 32.39 -11.16 16.58
C GLY C 41 32.96 -10.61 17.88
N PHE C 42 32.96 -9.27 18.02
CA PHE C 42 33.50 -8.62 19.22
C PHE C 42 32.45 -8.17 20.22
N GLY C 43 31.16 -8.31 19.92
CA GLY C 43 30.10 -7.92 20.85
C GLY C 43 28.71 -7.85 20.27
N VAL C 44 27.71 -7.54 21.13
CA VAL C 44 26.29 -7.43 20.77
C VAL C 44 25.77 -6.01 21.04
N VAL C 45 25.05 -5.41 20.06
CA VAL C 45 24.48 -4.07 20.15
C VAL C 45 23.05 -4.12 20.68
N TYR C 46 22.74 -3.32 21.70
CA TYR C 46 21.41 -3.28 22.32
C TYR C 46 20.84 -1.88 22.25
N LYS C 47 19.52 -1.77 22.06
CA LYS C 47 18.86 -0.48 22.10
C LYS C 47 18.72 -0.09 23.59
N GLY C 48 18.83 1.20 23.85
CA GLY C 48 18.71 1.72 25.20
C GLY C 48 18.08 3.10 25.24
N TYR C 49 17.72 3.54 26.44
CA TYR C 49 17.17 4.88 26.62
C TYR C 49 17.88 5.54 27.77
N VAL C 50 18.68 6.57 27.50
CA VAL C 50 19.35 7.32 28.55
C VAL C 50 18.58 8.64 28.60
N ASN C 51 17.44 8.59 29.31
CA ASN C 51 16.44 9.63 29.56
C ASN C 51 15.47 9.67 28.37
N ASN C 52 15.49 10.76 27.61
CA ASN C 52 14.71 10.86 26.39
C ASN C 52 15.55 10.52 25.15
N THR C 53 16.86 10.29 25.30
CA THR C 53 17.72 10.00 24.17
C THR C 53 17.86 8.50 23.98
N THR C 54 17.52 8.02 22.80
CA THR C 54 17.70 6.62 22.43
C THR C 54 19.18 6.42 22.11
N VAL C 55 19.79 5.35 22.65
CA VAL C 55 21.22 5.08 22.46
C VAL C 55 21.45 3.61 22.00
N ALA C 56 22.67 3.27 21.57
CA ALA C 56 23.06 1.90 21.23
C ALA C 56 24.18 1.53 22.16
N VAL C 57 24.02 0.47 22.94
CA VAL C 57 25.07 0.02 23.85
C VAL C 57 25.67 -1.27 23.33
N LYS C 58 26.96 -1.23 22.98
CA LYS C 58 27.70 -2.37 22.45
C LYS C 58 28.43 -3.07 23.61
N LYS C 59 27.91 -4.23 24.04
CA LYS C 59 28.50 -5.00 25.13
C LYS C 59 29.51 -6.00 24.57
N LEU C 60 30.81 -5.66 24.66
CA LEU C 60 31.90 -6.47 24.14
C LEU C 60 31.97 -7.87 24.75
N ALA C 61 32.20 -8.88 23.90
CA ALA C 61 32.30 -10.27 24.33
C ALA C 61 33.21 -11.07 23.38
N THR C 67 41.22 -12.96 22.61
CA THR C 67 42.07 -12.61 23.75
C THR C 67 41.38 -11.59 24.65
N THR C 68 41.54 -11.70 25.98
CA THR C 68 40.96 -10.74 26.94
C THR C 68 41.71 -9.40 26.88
N GLU C 69 43.06 -9.45 26.83
CA GLU C 69 43.86 -8.24 26.69
C GLU C 69 43.75 -7.67 25.26
N GLU C 70 43.40 -8.53 24.26
CA GLU C 70 43.18 -8.17 22.85
C GLU C 70 41.84 -7.42 22.75
N LEU C 71 40.80 -7.91 23.43
CA LEU C 71 39.49 -7.26 23.47
C LEU C 71 39.57 -5.92 24.22
N LYS C 72 40.43 -5.84 25.25
CA LYS C 72 40.68 -4.62 26.01
C LYS C 72 41.42 -3.61 25.10
N GLN C 73 42.38 -4.08 24.29
CA GLN C 73 43.13 -3.24 23.37
C GLN C 73 42.20 -2.64 22.31
N GLN C 74 41.19 -3.40 21.86
CA GLN C 74 40.22 -2.93 20.87
C GLN C 74 39.29 -1.87 21.47
N PHE C 75 38.91 -2.05 22.76
CA PHE C 75 38.08 -1.12 23.52
C PHE C 75 38.84 0.21 23.69
N ASP C 76 40.14 0.13 24.02
CA ASP C 76 40.97 1.33 24.19
C ASP C 76 41.27 1.99 22.85
N GLN C 77 41.34 1.21 21.76
CA GLN C 77 41.61 1.73 20.42
C GLN C 77 40.40 2.48 19.88
N GLU C 78 39.19 1.96 20.13
CA GLU C 78 37.94 2.57 19.71
C GLU C 78 37.80 3.96 20.39
N ILE C 79 38.03 4.00 21.70
CA ILE C 79 37.96 5.23 22.48
C ILE C 79 39.04 6.23 22.06
N LYS C 80 40.28 5.76 21.85
CA LYS C 80 41.37 6.65 21.46
C LYS C 80 41.17 7.30 20.09
N VAL C 81 40.64 6.55 19.10
CA VAL C 81 40.38 7.08 17.76
C VAL C 81 39.18 8.03 17.79
N MET C 82 38.15 7.69 18.56
CA MET C 82 36.96 8.52 18.64
C MET C 82 37.28 9.89 19.26
N ALA C 83 38.21 9.92 20.24
CA ALA C 83 38.61 11.16 20.90
C ALA C 83 39.26 12.11 19.89
N LYS C 84 40.10 11.55 19.00
CA LYS C 84 40.83 12.31 18.00
C LYS C 84 39.91 12.76 16.86
N CYS C 85 39.25 11.79 16.20
CA CYS C 85 38.43 12.02 15.02
C CYS C 85 36.95 12.31 15.29
N GLN C 86 36.51 13.46 14.82
CA GLN C 86 35.13 13.90 14.88
C GLN C 86 34.73 14.42 13.51
N HIS C 87 33.78 13.73 12.88
CA HIS C 87 33.32 14.08 11.55
C HIS C 87 31.81 13.71 11.41
N GLU C 88 31.12 14.34 10.45
CA GLU C 88 29.69 14.08 10.20
C GLU C 88 29.43 12.70 9.59
N ASN C 89 30.43 12.12 8.97
CA ASN C 89 30.34 10.77 8.40
C ASN C 89 31.07 9.74 9.24
N LEU C 90 31.31 10.05 10.50
CA LEU C 90 31.93 9.18 11.48
C LEU C 90 30.94 9.13 12.62
N VAL C 91 30.63 7.93 13.07
CA VAL C 91 29.68 7.71 14.15
C VAL C 91 30.20 8.34 15.47
N GLU C 92 29.29 8.76 16.36
CA GLU C 92 29.70 9.43 17.60
C GLU C 92 29.63 8.56 18.88
N LEU C 93 30.73 8.54 19.63
CA LEU C 93 30.79 7.84 20.92
C LEU C 93 30.24 8.79 21.97
N LEU C 94 29.30 8.32 22.75
CA LEU C 94 28.69 9.13 23.80
C LEU C 94 29.43 8.84 25.10
N GLY C 95 29.58 7.56 25.42
CA GLY C 95 30.26 7.14 26.63
C GLY C 95 30.75 5.71 26.60
N PHE C 96 31.07 5.16 27.77
CA PHE C 96 31.61 3.81 27.90
C PHE C 96 31.49 3.31 29.35
N SER C 97 31.76 2.02 29.58
CA SER C 97 31.68 1.41 30.90
C SER C 97 32.78 0.34 30.99
N SER C 98 33.85 0.58 31.76
CA SER C 98 34.97 -0.36 31.85
C SER C 98 35.08 -1.09 33.18
N ASP C 99 34.18 -0.82 34.14
CA ASP C 99 34.20 -1.47 35.45
C ASP C 99 33.99 -2.98 35.40
N GLY C 100 34.99 -3.73 35.86
CA GLY C 100 34.97 -5.17 35.88
C GLY C 100 35.38 -5.76 34.54
N ASP C 101 34.92 -7.00 34.26
CA ASP C 101 35.23 -7.68 32.99
C ASP C 101 34.17 -7.39 31.89
N ASP C 102 33.30 -6.38 32.11
CA ASP C 102 32.22 -6.01 31.19
C ASP C 102 32.47 -4.69 30.49
N LEU C 103 33.08 -4.73 29.30
CA LEU C 103 33.39 -3.53 28.53
C LEU C 103 32.21 -3.13 27.65
N CYS C 104 31.60 -1.98 27.93
CA CYS C 104 30.48 -1.47 27.15
C CYS C 104 30.84 -0.16 26.48
N LEU C 105 30.28 0.10 25.31
CA LEU C 105 30.50 1.34 24.60
C LEU C 105 29.14 1.90 24.22
N VAL C 106 28.91 3.20 24.46
CA VAL C 106 27.61 3.81 24.20
C VAL C 106 27.67 4.77 23.02
N TYR C 107 26.80 4.61 22.03
CA TYR C 107 26.78 5.47 20.85
C TYR C 107 25.39 6.01 20.60
N VAL C 108 25.28 6.96 19.65
CA VAL C 108 23.98 7.52 19.28
C VAL C 108 23.20 6.43 18.54
N TYR C 109 21.89 6.37 18.75
CA TYR C 109 21.06 5.38 18.10
C TYR C 109 20.87 5.82 16.67
N MET C 110 21.21 4.94 15.72
CA MET C 110 21.07 5.14 14.28
C MET C 110 19.69 4.60 13.92
N PRO C 111 18.72 5.49 13.65
CA PRO C 111 17.36 5.03 13.31
C PRO C 111 17.26 4.07 12.13
N ASN C 112 18.28 4.07 11.24
CA ASN C 112 18.20 3.22 10.08
C ASN C 112 19.22 2.10 10.03
N GLY C 113 19.79 1.76 11.19
CA GLY C 113 20.72 0.65 11.34
C GLY C 113 21.90 0.68 10.42
N SER C 114 22.24 -0.48 9.82
CA SER C 114 23.40 -0.55 8.94
C SER C 114 23.04 -0.61 7.47
N LEU C 115 23.98 -0.23 6.64
CA LEU C 115 23.88 -0.28 5.19
C LEU C 115 23.64 -1.72 4.72
N LEU C 116 24.25 -2.70 5.39
CA LEU C 116 24.05 -4.13 5.06
C LEU C 116 22.56 -4.50 5.18
N ASP C 117 21.94 -4.22 6.32
CA ASP C 117 20.54 -4.51 6.60
C ASP C 117 19.56 -3.71 5.75
N ARG C 118 19.95 -2.49 5.35
CA ARG C 118 19.08 -1.69 4.51
C ARG C 118 19.12 -2.17 3.07
N LEU C 119 20.29 -2.64 2.59
CA LEU C 119 20.39 -3.20 1.25
C LEU C 119 19.62 -4.53 1.17
N SER C 120 19.58 -5.30 2.26
CA SER C 120 18.84 -6.55 2.28
C SER C 120 17.37 -6.42 2.71
N CYS C 121 16.93 -5.19 3.10
CA CYS C 121 15.58 -4.85 3.60
C CYS C 121 15.20 -5.65 4.84
N LEU C 122 16.16 -5.87 5.74
CA LEU C 122 15.97 -6.62 6.98
C LEU C 122 14.88 -5.95 7.81
N ASP C 123 13.96 -6.76 8.34
CA ASP C 123 12.80 -6.33 9.11
C ASP C 123 11.74 -5.63 8.29
N GLY C 124 11.83 -5.69 6.97
CA GLY C 124 10.84 -5.14 6.07
C GLY C 124 10.99 -3.69 5.71
N THR C 125 12.19 -3.12 5.84
CA THR C 125 12.38 -1.71 5.49
C THR C 125 12.23 -1.52 3.98
N PRO C 126 11.75 -0.36 3.48
CA PRO C 126 11.61 -0.20 2.01
C PRO C 126 12.98 -0.13 1.36
N PRO C 127 13.09 -0.62 0.12
CA PRO C 127 14.39 -0.58 -0.55
C PRO C 127 14.94 0.82 -0.70
N LEU C 128 16.25 1.01 -0.45
CA LEU C 128 16.89 2.29 -0.68
C LEU C 128 16.86 2.62 -2.18
N SER C 129 16.69 3.89 -2.47
CA SER C 129 16.68 4.37 -3.85
C SER C 129 18.13 4.60 -4.33
N TRP C 130 18.32 4.74 -5.64
CA TRP C 130 19.62 5.03 -6.20
C TRP C 130 20.14 6.37 -5.69
N HIS C 131 19.24 7.36 -5.52
CA HIS C 131 19.58 8.70 -5.01
C HIS C 131 20.08 8.57 -3.56
N MET C 132 19.40 7.76 -2.72
CA MET C 132 19.86 7.57 -1.35
C MET C 132 21.18 6.81 -1.33
N ARG C 133 21.32 5.78 -2.19
CA ARG C 133 22.56 5.01 -2.25
C ARG C 133 23.77 5.87 -2.63
N CYS C 134 23.55 6.86 -3.48
CA CYS C 134 24.57 7.77 -3.95
C CYS C 134 25.03 8.66 -2.84
N LYS C 135 24.11 9.16 -2.00
CA LYS C 135 24.52 10.03 -0.88
C LYS C 135 25.30 9.19 0.14
N ILE C 136 24.79 7.96 0.43
CA ILE C 136 25.40 7.01 1.34
C ILE C 136 26.83 6.74 0.95
N ALA C 137 27.07 6.44 -0.34
CA ALA C 137 28.40 6.17 -0.84
C ALA C 137 29.32 7.38 -0.76
N GLN C 138 28.82 8.57 -1.08
CA GLN C 138 29.62 9.79 -0.99
C GLN C 138 29.99 10.10 0.44
N GLY C 139 29.04 9.89 1.35
CA GLY C 139 29.21 10.11 2.78
C GLY C 139 30.23 9.13 3.31
N ALA C 140 30.11 7.85 3.00
CA ALA C 140 31.09 6.85 3.44
C ALA C 140 32.50 7.20 2.91
N ALA C 141 32.59 7.73 1.69
CA ALA C 141 33.83 8.16 1.08
C ALA C 141 34.40 9.36 1.84
N ASN C 142 33.54 10.33 2.20
CA ASN C 142 33.95 11.55 2.94
C ASN C 142 34.45 11.20 4.34
N GLY C 143 33.83 10.17 4.95
CA GLY C 143 34.21 9.66 6.26
C GLY C 143 35.57 9.00 6.21
N ILE C 144 35.79 8.02 5.28
CA ILE C 144 37.11 7.37 5.08
C ILE C 144 38.19 8.41 4.81
N ASN C 145 37.86 9.48 4.08
CA ASN C 145 38.81 10.54 3.80
C ASN C 145 39.31 11.20 5.08
N PHE C 146 38.42 11.56 6.00
CA PHE C 146 38.80 12.18 7.26
C PHE C 146 39.73 11.27 8.05
N LEU C 147 39.47 9.96 8.04
CA LEU C 147 40.29 8.97 8.73
C LEU C 147 41.68 8.92 8.13
N HIS C 148 41.78 8.86 6.79
CA HIS C 148 43.06 8.82 6.08
C HIS C 148 43.85 10.13 6.20
N GLU C 149 43.13 11.27 6.31
CA GLU C 149 43.72 12.60 6.51
C GLU C 149 44.33 12.65 7.91
N ASN C 150 43.67 12.04 8.90
CA ASN C 150 44.15 12.01 10.27
C ASN C 150 45.02 10.79 10.56
N HIS C 151 45.65 10.23 9.51
CA HIS C 151 46.58 9.10 9.55
C HIS C 151 46.06 7.89 10.30
N HIS C 152 44.89 7.39 9.88
CA HIS C 152 44.31 6.19 10.48
C HIS C 152 43.82 5.25 9.39
N ILE C 153 44.00 3.95 9.59
CA ILE C 153 43.54 2.91 8.68
C ILE C 153 42.46 2.16 9.43
N HIS C 154 41.26 2.12 8.87
CA HIS C 154 40.11 1.50 9.50
C HIS C 154 40.32 0.03 9.76
N ARG C 155 40.73 -0.71 8.71
CA ARG C 155 41.02 -2.15 8.70
C ARG C 155 39.77 -3.04 8.70
N ASP C 156 38.56 -2.47 8.66
CA ASP C 156 37.34 -3.28 8.68
C ASP C 156 36.17 -2.60 7.93
N ILE C 157 36.48 -1.90 6.83
CA ILE C 157 35.45 -1.25 6.02
C ILE C 157 34.60 -2.31 5.36
N LYS C 158 33.30 -2.22 5.59
CA LYS C 158 32.25 -3.10 5.09
C LYS C 158 30.89 -2.46 5.34
N SER C 159 29.86 -2.89 4.60
CA SER C 159 28.52 -2.33 4.73
C SER C 159 27.91 -2.50 6.11
N ALA C 160 28.24 -3.57 6.84
CA ALA C 160 27.75 -3.74 8.23
C ALA C 160 28.28 -2.61 9.15
N ASN C 161 29.48 -2.09 8.81
CA ASN C 161 30.13 -1.01 9.53
C ASN C 161 29.80 0.37 9.04
N ILE C 162 28.88 0.51 8.07
CA ILE C 162 28.44 1.82 7.62
C ILE C 162 27.03 1.97 8.15
N LEU C 163 26.85 2.79 9.18
CA LEU C 163 25.55 2.99 9.79
C LEU C 163 24.79 4.18 9.21
N LEU C 164 23.47 4.20 9.34
CA LEU C 164 22.61 5.22 8.74
C LEU C 164 21.69 5.90 9.78
N ASP C 165 21.83 7.23 9.91
CA ASP C 165 21.07 7.99 10.89
C ASP C 165 19.63 8.31 10.42
N GLU C 166 18.95 9.22 11.13
CA GLU C 166 17.59 9.69 10.88
C GLU C 166 17.41 10.26 9.48
N ALA C 167 18.48 10.75 8.84
CA ALA C 167 18.44 11.32 7.50
C ALA C 167 19.13 10.40 6.47
N PHE C 168 19.53 9.18 6.87
CA PHE C 168 20.31 8.23 6.07
C PHE C 168 21.70 8.77 5.78
N THR C 169 22.29 9.47 6.76
CA THR C 169 23.67 9.93 6.61
C THR C 169 24.51 8.77 7.01
N ALA C 170 25.46 8.40 6.14
CA ALA C 170 26.35 7.29 6.38
C ALA C 170 27.33 7.66 7.46
N LYS C 171 27.43 6.81 8.47
CA LYS C 171 28.35 7.00 9.55
C LYS C 171 29.23 5.80 9.70
N ILE C 172 30.52 5.92 9.46
CA ILE C 172 31.45 4.79 9.60
C ILE C 172 31.58 4.44 11.07
N SER C 173 31.61 3.15 11.36
CA SER C 173 31.70 2.65 12.72
C SER C 173 32.78 1.56 12.85
N ASP C 174 32.99 1.06 14.09
CA ASP C 174 33.95 0.02 14.47
C ASP C 174 35.39 0.40 14.20
N PHE C 175 36.02 1.04 15.20
CA PHE C 175 37.41 1.48 15.16
C PHE C 175 38.30 0.70 16.14
N GLY C 176 37.86 -0.47 16.60
CA GLY C 176 38.66 -1.27 17.50
C GLY C 176 39.90 -1.85 16.85
N LEU C 177 39.84 -2.06 15.52
CA LEU C 177 40.90 -2.59 14.66
C LEU C 177 41.69 -1.48 13.95
N ALA C 178 41.43 -0.20 14.23
CA ALA C 178 42.09 0.91 13.56
C ALA C 178 43.57 1.02 13.88
N ARG C 179 44.37 1.39 12.88
CA ARG C 179 45.81 1.53 13.03
C ARG C 179 46.30 2.92 12.68
N ALA C 180 47.43 3.32 13.24
CA ALA C 180 48.03 4.61 12.94
C ALA C 180 48.84 4.46 11.66
N ALA C 185 49.75 6.77 6.10
CA ALA C 185 50.21 5.53 6.72
C ALA C 185 50.97 4.64 5.73
N GLN C 186 51.96 3.88 6.24
CA GLN C 186 52.83 3.03 5.40
C GLN C 186 52.60 1.52 5.55
N TPO C 187 53.28 0.76 4.69
CA TPO C 187 53.19 -0.70 4.57
CB TPO C 187 53.53 -1.01 3.08
CG2 TPO C 187 53.75 -2.52 2.89
OG1 TPO C 187 52.40 -0.59 2.23
P TPO C 187 52.54 0.67 1.31
O1P TPO C 187 53.71 0.56 0.33
O2P TPO C 187 52.59 2.01 2.05
O3P TPO C 187 51.24 0.80 0.57
C TPO C 187 54.05 -1.46 5.60
O TPO C 187 55.28 -1.50 5.51
N VAL C 188 53.35 -2.05 6.58
CA VAL C 188 53.89 -2.89 7.67
C VAL C 188 53.18 -4.30 7.65
N MET C 189 53.51 -5.23 8.57
CA MET C 189 52.88 -6.56 8.57
C MET C 189 52.37 -6.97 9.96
N TPO C 190 51.54 -8.03 10.03
CA TPO C 190 50.98 -8.50 11.31
CB TPO C 190 49.62 -7.87 11.65
CG2 TPO C 190 48.51 -8.24 10.65
OG1 TPO C 190 49.16 -8.23 12.98
P TPO C 190 49.68 -7.42 14.19
O1P TPO C 190 49.86 -5.95 13.88
O2P TPO C 190 48.62 -7.54 15.30
O3P TPO C 190 50.98 -8.04 14.71
C TPO C 190 51.01 -10.04 11.37
O TPO C 190 50.81 -10.70 10.37
N SEP C 191 51.07 -10.56 12.61
CA SEP C 191 51.01 -12.02 12.87
CB SEP C 191 51.98 -12.39 13.98
OG SEP C 191 51.97 -11.33 14.96
C SEP C 191 49.56 -12.40 13.23
O SEP C 191 49.25 -13.60 13.22
P SEP C 191 53.38 -10.63 15.35
O1P SEP C 191 53.93 -10.06 14.05
O2P SEP C 191 53.03 -9.55 16.37
O3P SEP C 191 54.24 -11.72 15.93
N ARG C 192 48.73 -11.40 13.54
CA ARG C 192 47.26 -11.59 13.75
C ARG C 192 46.50 -10.91 12.61
N ILE C 193 45.93 -11.70 11.69
CA ILE C 193 45.23 -11.21 10.49
C ILE C 193 43.74 -11.02 10.79
N VAL C 194 43.27 -9.76 10.72
CA VAL C 194 41.88 -9.44 11.06
C VAL C 194 41.13 -8.63 9.99
N GLY C 195 39.82 -8.82 10.01
CA GLY C 195 38.90 -8.23 9.05
C GLY C 195 37.89 -9.25 8.55
N THR C 196 37.12 -8.89 7.51
CA THR C 196 36.11 -9.78 6.92
C THR C 196 36.59 -10.20 5.55
N THR C 197 36.80 -11.52 5.36
CA THR C 197 37.40 -12.09 4.13
C THR C 197 36.79 -11.57 2.85
N ALA C 198 35.44 -11.51 2.77
CA ALA C 198 34.72 -11.06 1.58
C ALA C 198 35.05 -9.63 1.09
N TYR C 199 35.58 -8.79 1.96
CA TYR C 199 35.93 -7.42 1.58
C TYR C 199 37.44 -7.16 1.53
N MET C 200 38.23 -7.99 2.23
CA MET C 200 39.66 -7.79 2.36
C MET C 200 40.48 -7.83 1.09
N ALA C 201 41.36 -6.82 0.92
CA ALA C 201 42.33 -6.69 -0.15
C ALA C 201 43.26 -7.91 -0.18
N PRO C 202 43.84 -8.25 -1.35
CA PRO C 202 44.75 -9.41 -1.40
C PRO C 202 45.93 -9.29 -0.41
N GLU C 203 46.58 -8.14 -0.37
CA GLU C 203 47.72 -7.92 0.53
C GLU C 203 47.31 -7.95 2.01
N ALA C 204 46.08 -7.49 2.32
CA ALA C 204 45.60 -7.53 3.69
C ALA C 204 45.31 -8.99 4.15
N LEU C 205 44.93 -9.87 3.22
CA LEU C 205 44.75 -11.29 3.52
C LEU C 205 46.12 -11.96 3.84
N ARG C 206 47.22 -11.42 3.26
CA ARG C 206 48.61 -11.83 3.44
C ARG C 206 49.27 -11.24 4.70
N GLY C 207 48.65 -10.24 5.33
CA GLY C 207 49.18 -9.65 6.56
C GLY C 207 49.59 -8.19 6.46
N GLU C 208 49.67 -7.66 5.24
CA GLU C 208 50.06 -6.25 5.05
C GLU C 208 49.07 -5.30 5.66
N ILE C 209 49.57 -4.16 6.17
CA ILE C 209 48.72 -3.13 6.75
C ILE C 209 49.01 -1.83 5.99
N THR C 210 48.01 -1.31 5.26
CA THR C 210 48.16 -0.14 4.41
C THR C 210 46.80 0.54 4.17
N PRO C 211 46.74 1.88 4.10
CA PRO C 211 45.45 2.53 3.79
C PRO C 211 44.91 2.16 2.41
N LYS C 212 45.74 1.58 1.54
CA LYS C 212 45.32 1.10 0.22
C LYS C 212 44.34 -0.06 0.35
N SER C 213 44.46 -0.88 1.41
CA SER C 213 43.55 -2.00 1.64
C SER C 213 42.12 -1.49 1.92
N ASP C 214 41.99 -0.33 2.59
CA ASP C 214 40.70 0.27 2.91
C ASP C 214 39.96 0.66 1.63
N ILE C 215 40.70 1.18 0.63
CA ILE C 215 40.16 1.56 -0.68
C ILE C 215 39.55 0.33 -1.34
N TYR C 216 40.24 -0.82 -1.29
CA TYR C 216 39.77 -2.08 -1.87
C TYR C 216 38.48 -2.52 -1.19
N SER C 217 38.45 -2.52 0.15
CA SER C 217 37.23 -2.90 0.89
C SER C 217 36.04 -2.00 0.52
N PHE C 218 36.32 -0.72 0.25
CA PHE C 218 35.31 0.24 -0.15
C PHE C 218 34.79 -0.04 -1.55
N GLY C 219 35.64 -0.60 -2.43
CA GLY C 219 35.25 -1.00 -3.77
C GLY C 219 34.19 -2.07 -3.71
N VAL C 220 34.33 -3.05 -2.79
CA VAL C 220 33.35 -4.13 -2.54
C VAL C 220 32.03 -3.54 -2.00
N VAL C 221 32.13 -2.45 -1.20
CA VAL C 221 30.99 -1.75 -0.65
C VAL C 221 30.25 -1.04 -1.76
N LEU C 222 30.96 -0.42 -2.73
CA LEU C 222 30.29 0.21 -3.88
C LEU C 222 29.56 -0.81 -4.70
N LEU C 223 30.11 -2.05 -4.81
CA LEU C 223 29.46 -3.12 -5.53
C LEU C 223 28.21 -3.58 -4.79
N GLU C 224 28.23 -3.61 -3.45
CA GLU C 224 27.07 -4.03 -2.66
C GLU C 224 25.94 -3.06 -2.87
N ILE C 225 26.27 -1.75 -2.86
CA ILE C 225 25.33 -0.65 -3.07
C ILE C 225 24.67 -0.76 -4.46
N ILE C 226 25.46 -1.03 -5.52
CA ILE C 226 24.95 -1.17 -6.88
C ILE C 226 24.03 -2.37 -7.08
N THR C 227 24.38 -3.51 -6.52
CA THR C 227 23.65 -4.76 -6.78
C THR C 227 22.64 -5.20 -5.72
N GLY C 228 22.74 -4.64 -4.53
CA GLY C 228 21.92 -5.07 -3.41
C GLY C 228 22.31 -6.42 -2.80
N LEU C 229 23.37 -7.03 -3.34
CA LEU C 229 23.85 -8.33 -2.88
C LEU C 229 24.95 -8.16 -1.83
N PRO C 230 24.93 -8.98 -0.75
CA PRO C 230 26.05 -8.92 0.23
C PRO C 230 27.37 -9.44 -0.35
N ALA C 231 28.53 -9.03 0.16
CA ALA C 231 29.83 -9.43 -0.40
C ALA C 231 30.04 -10.95 -0.51
N VAL C 232 29.46 -11.71 0.42
CA VAL C 232 29.55 -13.15 0.38
C VAL C 232 28.19 -13.75 0.67
N ASP C 233 27.76 -14.70 -0.15
CA ASP C 233 26.52 -15.43 0.10
C ASP C 233 26.81 -16.89 -0.18
N GLU C 234 26.67 -17.74 0.86
CA GLU C 234 26.93 -19.16 0.77
C GLU C 234 26.01 -19.81 -0.26
N HIS C 235 24.72 -19.46 -0.23
CA HIS C 235 23.72 -20.01 -1.13
C HIS C 235 23.54 -19.16 -2.40
N ARG C 236 24.65 -18.73 -3.00
CA ARG C 236 24.59 -17.93 -4.21
C ARG C 236 25.73 -18.29 -5.19
N GLU C 237 25.48 -18.12 -6.47
CA GLU C 237 26.43 -18.35 -7.54
C GLU C 237 26.61 -17.03 -8.31
N PRO C 238 27.79 -16.39 -8.22
CA PRO C 238 28.97 -16.81 -7.46
C PRO C 238 28.88 -16.40 -6.00
N GLN C 239 29.54 -17.15 -5.11
CA GLN C 239 29.51 -16.86 -3.69
C GLN C 239 30.20 -15.54 -3.32
N LEU C 240 31.09 -15.04 -4.16
CA LEU C 240 31.78 -13.79 -3.90
C LEU C 240 31.35 -12.73 -4.87
N LEU C 241 31.01 -11.55 -4.36
CA LEU C 241 30.60 -10.42 -5.17
C LEU C 241 31.77 -9.95 -6.07
N LEU C 242 33.02 -10.14 -5.61
CA LEU C 242 34.22 -9.81 -6.37
C LEU C 242 34.27 -10.59 -7.68
N ASP C 243 33.80 -11.87 -7.67
CA ASP C 243 33.76 -12.71 -8.89
C ASP C 243 32.98 -12.03 -10.00
N ILE C 244 31.88 -11.34 -9.66
CA ILE C 244 31.03 -10.63 -10.60
C ILE C 244 31.83 -9.55 -11.36
N LYS C 245 32.86 -8.96 -10.72
CA LYS C 245 33.74 -7.97 -11.35
C LYS C 245 34.53 -8.64 -12.48
N GLU C 246 34.99 -9.89 -12.27
CA GLU C 246 35.73 -10.65 -13.27
C GLU C 246 34.83 -10.94 -14.48
N GLU C 247 33.56 -11.35 -14.22
CA GLU C 247 32.59 -11.62 -15.28
C GLU C 247 32.33 -10.40 -16.16
N ILE C 248 32.35 -9.21 -15.56
CA ILE C 248 32.14 -7.97 -16.30
C ILE C 248 33.38 -7.63 -17.10
N GLU C 249 34.58 -7.78 -16.49
CA GLU C 249 35.87 -7.49 -17.15
C GLU C 249 36.08 -8.39 -18.38
N ASP C 250 35.65 -9.65 -18.29
CA ASP C 250 35.78 -10.59 -19.41
C ASP C 250 34.61 -10.55 -20.38
N GLU C 251 33.85 -9.43 -20.40
CA GLU C 251 32.68 -9.17 -21.25
C GLU C 251 31.58 -10.26 -21.17
N GLU C 252 31.69 -11.19 -20.20
CA GLU C 252 30.73 -12.27 -19.99
C GLU C 252 29.37 -11.76 -19.44
N LYS C 253 29.38 -10.59 -18.79
CA LYS C 253 28.23 -9.91 -18.21
C LYS C 253 28.49 -8.36 -18.21
N THR C 254 27.45 -7.55 -18.00
CA THR C 254 27.61 -6.09 -17.86
C THR C 254 27.17 -5.64 -16.45
N ILE C 255 27.46 -4.37 -16.06
CA ILE C 255 27.01 -3.90 -14.76
C ILE C 255 25.47 -3.74 -14.76
N GLU C 256 24.86 -3.40 -15.92
CA GLU C 256 23.41 -3.29 -16.10
C GLU C 256 22.69 -4.62 -15.77
N ASP C 257 23.36 -5.76 -15.98
CA ASP C 257 22.80 -7.06 -15.65
C ASP C 257 22.80 -7.34 -14.15
N TYR C 258 23.54 -6.55 -13.34
CA TYR C 258 23.66 -6.79 -11.91
C TYR C 258 23.01 -5.73 -11.02
N ILE C 259 22.65 -4.55 -11.60
CA ILE C 259 21.98 -3.47 -10.88
C ILE C 259 20.77 -3.98 -10.09
N ASP C 260 20.67 -3.56 -8.83
CA ASP C 260 19.59 -3.97 -7.95
C ASP C 260 18.21 -3.68 -8.58
N LYS C 261 17.40 -4.72 -8.76
CA LYS C 261 16.06 -4.59 -9.31
C LYS C 261 15.09 -3.89 -8.34
N LYS C 262 15.42 -3.89 -7.01
CA LYS C 262 14.65 -3.24 -5.97
C LYS C 262 14.82 -1.71 -5.94
N MET C 263 15.12 -1.12 -7.08
CA MET C 263 15.22 0.33 -7.23
C MET C 263 14.47 0.69 -8.50
N ASN C 264 13.85 1.88 -8.55
CA ASN C 264 13.20 2.31 -9.78
C ASN C 264 13.88 3.54 -10.43
N ASP C 265 14.80 4.21 -9.68
CA ASP C 265 15.46 5.45 -10.12
C ASP C 265 16.89 5.31 -10.56
N ALA C 266 17.36 4.07 -10.81
CA ALA C 266 18.73 3.90 -11.24
C ALA C 266 18.91 4.18 -12.72
N ASP C 267 19.94 4.96 -13.05
CA ASP C 267 20.23 5.30 -14.42
C ASP C 267 21.59 4.75 -14.81
N SER C 268 21.75 4.41 -16.08
CA SER C 268 23.01 3.86 -16.60
C SER C 268 24.23 4.78 -16.42
N THR C 269 24.11 6.07 -16.76
CA THR C 269 25.23 7.02 -16.65
C THR C 269 25.88 7.05 -15.27
N SER C 270 25.07 7.16 -14.22
CA SER C 270 25.59 7.22 -12.87
C SER C 270 26.03 5.86 -12.38
N VAL C 271 25.28 4.78 -12.70
CA VAL C 271 25.62 3.41 -12.31
C VAL C 271 26.97 2.97 -12.89
N GLU C 272 27.29 3.41 -14.11
CA GLU C 272 28.59 3.10 -14.71
C GLU C 272 29.72 4.00 -14.18
N ALA C 273 29.39 5.21 -13.70
CA ALA C 273 30.37 6.10 -13.10
C ALA C 273 30.73 5.55 -11.70
N MET C 274 29.74 5.01 -10.97
CA MET C 274 29.98 4.39 -9.66
C MET C 274 30.71 3.07 -9.85
N TYR C 275 30.37 2.30 -10.89
CA TYR C 275 31.06 1.04 -11.16
C TYR C 275 32.53 1.33 -11.56
N SER C 276 32.81 2.44 -12.25
CA SER C 276 34.16 2.84 -12.63
C SER C 276 35.00 3.04 -11.38
N VAL C 277 34.46 3.75 -10.36
CA VAL C 277 35.14 4.02 -9.10
C VAL C 277 35.45 2.70 -8.40
N ALA C 278 34.45 1.79 -8.35
CA ALA C 278 34.56 0.46 -7.74
C ALA C 278 35.62 -0.38 -8.43
N SER C 279 35.66 -0.38 -9.77
CA SER C 279 36.64 -1.12 -10.58
C SER C 279 38.05 -0.59 -10.32
N GLN C 280 38.19 0.73 -10.17
CA GLN C 280 39.47 1.34 -9.86
C GLN C 280 39.91 0.94 -8.46
N CYS C 281 38.97 0.90 -7.51
CA CYS C 281 39.24 0.50 -6.13
C CYS C 281 39.63 -0.97 -6.03
N LEU C 282 39.05 -1.82 -6.88
CA LEU C 282 39.27 -3.26 -6.83
C LEU C 282 40.51 -3.79 -7.60
N HIS C 283 41.50 -2.94 -7.87
CA HIS C 283 42.77 -3.38 -8.46
C HIS C 283 43.43 -4.35 -7.51
N GLU C 284 43.88 -5.53 -7.98
CA GLU C 284 44.63 -6.44 -7.10
C GLU C 284 45.97 -5.75 -6.68
N LYS C 285 46.61 -5.05 -7.63
CA LYS C 285 47.85 -4.33 -7.37
C LYS C 285 47.58 -3.00 -6.67
N LYS C 286 47.84 -2.96 -5.35
CA LYS C 286 47.57 -1.86 -4.43
C LYS C 286 47.98 -0.46 -4.90
N ASN C 287 49.13 -0.33 -5.56
CA ASN C 287 49.59 0.99 -6.01
C ASN C 287 48.86 1.51 -7.28
N LYS C 288 48.06 0.66 -7.93
CA LYS C 288 47.25 1.07 -9.09
C LYS C 288 45.90 1.71 -8.67
N ARG C 289 45.44 1.43 -7.42
CA ARG C 289 44.21 1.95 -6.82
C ARG C 289 44.29 3.46 -6.63
N PRO C 290 43.15 4.17 -6.63
CA PRO C 290 43.20 5.62 -6.36
C PRO C 290 43.25 5.93 -4.86
N ASP C 291 43.73 7.14 -4.52
CA ASP C 291 43.73 7.62 -3.14
C ASP C 291 42.29 8.00 -2.74
N ILE C 292 42.01 8.05 -1.43
CA ILE C 292 40.67 8.36 -0.94
C ILE C 292 40.19 9.76 -1.40
N LYS C 293 41.11 10.70 -1.64
CA LYS C 293 40.74 12.02 -2.16
C LYS C 293 40.29 11.94 -3.63
N LYS C 294 40.85 11.00 -4.40
CA LYS C 294 40.49 10.78 -5.80
C LYS C 294 39.15 10.02 -5.89
N VAL C 295 38.92 9.05 -4.98
CA VAL C 295 37.67 8.30 -4.89
C VAL C 295 36.53 9.27 -4.51
N GLN C 296 36.81 10.17 -3.57
CA GLN C 296 35.88 11.18 -3.09
C GLN C 296 35.54 12.18 -4.20
N GLN C 297 36.54 12.53 -5.04
CA GLN C 297 36.37 13.45 -6.16
C GLN C 297 35.48 12.81 -7.23
N LEU C 298 35.70 11.52 -7.53
CA LEU C 298 34.92 10.80 -8.52
C LEU C 298 33.45 10.61 -8.10
N LEU C 299 33.22 10.34 -6.82
CA LEU C 299 31.85 10.18 -6.33
C LEU C 299 31.11 11.54 -6.24
N GLN C 300 31.86 12.65 -6.13
CA GLN C 300 31.35 14.03 -6.12
C GLN C 300 31.12 14.56 -7.56
N GLU C 301 31.75 13.94 -8.56
CA GLU C 301 31.56 14.24 -9.97
C GLU C 301 30.40 13.42 -10.56
N MET C 302 30.11 12.24 -9.99
CA MET C 302 29.06 11.32 -10.41
C MET C 302 27.64 11.93 -10.32
N THR C 303 27.43 12.78 -9.32
CA THR C 303 26.16 13.45 -9.06
C THR C 303 26.16 14.95 -9.41
N ARG D 9 -39.44 -25.87 -3.20
CA ARG D 9 -38.71 -24.76 -3.81
C ARG D 9 -37.62 -24.20 -2.86
N PHE D 10 -37.96 -24.10 -1.55
CA PHE D 10 -37.04 -23.60 -0.53
C PHE D 10 -36.94 -24.59 0.62
N HIS D 11 -35.77 -24.64 1.28
CA HIS D 11 -35.54 -25.53 2.41
C HIS D 11 -36.27 -25.06 3.66
N SER D 12 -36.99 -25.96 4.32
CA SER D 12 -37.70 -25.62 5.54
C SER D 12 -36.77 -25.83 6.74
N PHE D 13 -36.29 -24.73 7.33
CA PHE D 13 -35.39 -24.75 8.48
C PHE D 13 -36.15 -24.62 9.77
N SER D 14 -35.62 -25.18 10.84
CA SER D 14 -36.20 -25.00 12.16
C SER D 14 -35.46 -23.85 12.82
N PHE D 15 -36.16 -23.12 13.69
CA PHE D 15 -35.56 -21.98 14.39
C PHE D 15 -34.33 -22.35 15.21
N TYR D 16 -34.29 -23.60 15.71
CA TYR D 16 -33.16 -24.10 16.47
C TYR D 16 -31.93 -24.30 15.62
N GLU D 17 -32.10 -24.63 14.34
CA GLU D 17 -30.96 -24.83 13.46
C GLU D 17 -30.28 -23.48 13.25
N LEU D 18 -31.06 -22.43 12.96
CA LEU D 18 -30.57 -21.08 12.73
C LEU D 18 -29.99 -20.42 13.97
N LYS D 19 -30.49 -20.76 15.18
CA LYS D 19 -29.89 -20.24 16.40
C LYS D 19 -28.47 -20.82 16.56
N ASN D 20 -28.24 -22.07 16.12
CA ASN D 20 -26.92 -22.68 16.21
C ASN D 20 -25.97 -22.10 15.15
N VAL D 21 -26.39 -22.08 13.87
CA VAL D 21 -25.58 -21.60 12.75
C VAL D 21 -25.25 -20.10 12.83
N THR D 22 -25.98 -19.31 13.63
CA THR D 22 -25.70 -17.88 13.74
C THR D 22 -25.14 -17.50 15.11
N ASN D 23 -24.53 -18.46 15.85
CA ASN D 23 -23.92 -18.25 17.17
C ASN D 23 -24.90 -17.59 18.14
N ASN D 24 -26.15 -18.07 18.13
CA ASN D 24 -27.29 -17.57 18.90
C ASN D 24 -27.60 -16.12 18.54
N PHE D 25 -27.57 -15.80 17.23
CA PHE D 25 -27.81 -14.46 16.71
C PHE D 25 -26.96 -13.41 17.41
N ASP D 26 -25.62 -13.55 17.29
CA ASP D 26 -24.67 -12.64 17.90
C ASP D 26 -24.84 -11.25 17.30
N GLU D 27 -25.16 -10.27 18.14
CA GLU D 27 -25.38 -8.89 17.69
C GLU D 27 -24.08 -8.15 17.36
N ARG D 28 -22.92 -8.68 17.78
CA ARG D 28 -21.63 -8.06 17.51
C ARG D 28 -21.38 -8.03 16.00
N PRO D 29 -20.74 -6.97 15.48
CA PRO D 29 -20.48 -6.92 14.04
C PRO D 29 -19.46 -7.97 13.63
N ILE D 30 -19.59 -8.47 12.40
CA ILE D 30 -18.68 -9.46 11.83
C ILE D 30 -17.22 -8.97 11.86
N SER D 31 -17.01 -7.63 11.78
CA SER D 31 -15.66 -7.03 11.80
C SER D 31 -15.00 -7.19 13.17
N VAL D 32 -15.79 -7.09 14.24
CA VAL D 32 -15.35 -7.23 15.63
C VAL D 32 -15.10 -8.73 15.97
N GLY D 33 -15.92 -9.60 15.41
CA GLY D 33 -15.87 -11.04 15.62
C GLY D 33 -17.23 -11.70 15.84
N GLY D 34 -18.30 -10.95 15.61
CA GLY D 34 -19.66 -11.45 15.78
C GLY D 34 -20.33 -11.91 14.50
N ASN D 35 -21.67 -11.90 14.49
CA ASN D 35 -22.45 -12.35 13.34
C ASN D 35 -23.28 -11.29 12.62
N LYS D 36 -23.64 -10.19 13.30
CA LYS D 36 -24.46 -9.16 12.67
C LYS D 36 -23.77 -8.53 11.47
N MET D 37 -24.45 -8.54 10.33
CA MET D 37 -23.92 -7.99 9.08
C MET D 37 -24.63 -6.71 8.64
N GLY D 38 -25.88 -6.54 9.05
CA GLY D 38 -26.70 -5.38 8.70
C GLY D 38 -28.09 -5.45 9.32
N GLU D 39 -28.92 -4.43 9.07
CA GLU D 39 -30.27 -4.41 9.61
C GLU D 39 -31.16 -3.30 9.04
N GLY D 40 -32.45 -3.59 8.97
CA GLY D 40 -33.46 -2.64 8.52
C GLY D 40 -34.51 -2.44 9.60
N GLY D 41 -35.66 -1.89 9.20
CA GLY D 41 -36.77 -1.70 10.13
C GLY D 41 -37.57 -2.97 10.35
N PHE D 42 -37.46 -3.94 9.43
CA PHE D 42 -38.19 -5.21 9.52
C PHE D 42 -37.37 -6.38 10.07
N GLY D 43 -36.08 -6.21 10.33
CA GLY D 43 -35.26 -7.28 10.87
C GLY D 43 -33.76 -7.06 10.80
N VAL D 44 -32.99 -8.02 11.36
CA VAL D 44 -31.52 -7.99 11.42
C VAL D 44 -30.90 -9.17 10.65
N VAL D 45 -29.88 -8.91 9.80
CA VAL D 45 -29.20 -9.92 8.99
C VAL D 45 -27.95 -10.45 9.74
N TYR D 46 -27.83 -11.78 9.85
CA TYR D 46 -26.72 -12.42 10.54
C TYR D 46 -25.97 -13.36 9.59
N LYS D 47 -24.65 -13.45 9.77
CA LYS D 47 -23.85 -14.40 9.02
C LYS D 47 -24.08 -15.79 9.66
N GLY D 48 -24.08 -16.82 8.83
CA GLY D 48 -24.25 -18.19 9.31
C GLY D 48 -23.45 -19.19 8.51
N TYR D 49 -23.33 -20.40 9.02
CA TYR D 49 -22.63 -21.47 8.33
C TYR D 49 -23.51 -22.72 8.37
N VAL D 50 -24.04 -23.12 7.22
CA VAL D 50 -24.84 -24.34 7.11
C VAL D 50 -24.01 -25.35 6.34
N ASN D 51 -23.29 -26.26 7.04
CA ASN D 51 -22.42 -27.29 6.44
C ASN D 51 -21.43 -26.73 5.42
N ASN D 52 -20.42 -25.98 5.91
CA ASN D 52 -19.36 -25.38 5.10
C ASN D 52 -19.86 -24.30 4.12
N THR D 53 -21.19 -24.11 4.01
CA THR D 53 -21.77 -23.07 3.17
C THR D 53 -22.05 -21.84 4.02
N THR D 54 -21.50 -20.70 3.62
CA THR D 54 -21.77 -19.45 4.32
C THR D 54 -23.16 -18.95 3.80
N VAL D 55 -24.07 -18.61 4.73
CA VAL D 55 -25.43 -18.12 4.41
C VAL D 55 -25.78 -16.82 5.18
N ALA D 56 -26.88 -16.14 4.81
CA ALA D 56 -27.35 -14.95 5.49
C ALA D 56 -28.72 -15.21 6.09
N VAL D 57 -28.88 -15.03 7.41
CA VAL D 57 -30.18 -15.28 8.05
C VAL D 57 -30.79 -13.96 8.51
N LYS D 58 -31.93 -13.59 7.93
CA LYS D 58 -32.64 -12.37 8.27
C LYS D 58 -33.73 -12.72 9.32
N LYS D 59 -33.50 -12.34 10.58
CA LYS D 59 -34.45 -12.59 11.65
C LYS D 59 -35.39 -11.40 11.78
N LEU D 60 -36.60 -11.54 11.25
CA LEU D 60 -37.62 -10.50 11.25
C LEU D 60 -38.04 -10.07 12.67
N ALA D 61 -38.18 -8.74 12.87
CA ALA D 61 -38.56 -8.16 14.15
C ALA D 61 -39.29 -6.83 13.96
N THR D 67 -47.14 -4.68 13.71
CA THR D 67 -48.49 -5.08 13.34
C THR D 67 -48.78 -6.58 13.54
N THR D 68 -47.70 -7.42 13.65
CA THR D 68 -47.59 -8.89 13.77
C THR D 68 -48.13 -9.59 12.50
N GLU D 69 -49.41 -9.34 12.15
CA GLU D 69 -49.99 -9.90 10.93
C GLU D 69 -49.42 -9.21 9.68
N GLU D 70 -48.92 -7.95 9.82
CA GLU D 70 -48.28 -7.16 8.77
C GLU D 70 -46.89 -7.75 8.51
N LEU D 71 -46.14 -8.09 9.58
CA LEU D 71 -44.83 -8.71 9.45
C LEU D 71 -44.93 -10.12 8.88
N LYS D 72 -46.02 -10.84 9.20
CA LYS D 72 -46.32 -12.17 8.67
C LYS D 72 -46.64 -12.05 7.17
N GLN D 73 -47.40 -11.01 6.77
CA GLN D 73 -47.76 -10.76 5.38
C GLN D 73 -46.53 -10.46 4.55
N GLN D 74 -45.54 -9.76 5.12
CA GLN D 74 -44.29 -9.44 4.43
C GLN D 74 -43.42 -10.69 4.25
N PHE D 75 -43.42 -11.58 5.26
CA PHE D 75 -42.70 -12.86 5.24
C PHE D 75 -43.29 -13.75 4.13
N ASP D 76 -44.64 -13.80 4.05
CA ASP D 76 -45.32 -14.59 3.03
C ASP D 76 -45.16 -13.99 1.64
N GLN D 77 -45.07 -12.67 1.54
CA GLN D 77 -44.91 -12.00 0.26
C GLN D 77 -43.50 -12.24 -0.28
N GLU D 78 -42.49 -12.14 0.59
CA GLU D 78 -41.08 -12.38 0.22
C GLU D 78 -40.94 -13.79 -0.38
N ILE D 79 -41.49 -14.79 0.31
CA ILE D 79 -41.46 -16.17 -0.13
C ILE D 79 -42.24 -16.37 -1.44
N LYS D 80 -43.44 -15.78 -1.55
CA LYS D 80 -44.25 -15.93 -2.76
C LYS D 80 -43.59 -15.33 -4.01
N VAL D 81 -42.96 -14.14 -3.88
CA VAL D 81 -42.28 -13.49 -5.01
C VAL D 81 -40.99 -14.24 -5.37
N MET D 82 -40.28 -14.77 -4.35
CA MET D 82 -39.04 -15.53 -4.56
C MET D 82 -39.29 -16.84 -5.29
N ALA D 83 -40.46 -17.46 -5.08
CA ALA D 83 -40.84 -18.68 -5.75
C ALA D 83 -41.05 -18.42 -7.24
N LYS D 84 -41.71 -17.30 -7.56
CA LYS D 84 -42.03 -16.94 -8.93
C LYS D 84 -40.81 -16.43 -9.71
N CYS D 85 -40.14 -15.40 -9.18
CA CYS D 85 -39.06 -14.72 -9.87
C CYS D 85 -37.66 -15.25 -9.56
N GLN D 86 -36.98 -15.66 -10.62
CA GLN D 86 -35.60 -16.14 -10.60
C GLN D 86 -34.82 -15.45 -11.72
N HIS D 87 -33.85 -14.63 -11.34
CA HIS D 87 -33.04 -13.89 -12.30
C HIS D 87 -31.62 -13.70 -11.76
N GLU D 88 -30.62 -13.45 -12.66
CA GLU D 88 -29.23 -13.27 -12.27
C GLU D 88 -29.01 -12.00 -11.45
N ASN D 89 -29.87 -11.01 -11.64
CA ASN D 89 -29.82 -9.76 -10.93
C ASN D 89 -30.88 -9.65 -9.83
N LEU D 90 -31.36 -10.78 -9.34
CA LEU D 90 -32.30 -10.91 -8.25
C LEU D 90 -31.67 -11.91 -7.29
N VAL D 91 -31.66 -11.56 -6.01
CA VAL D 91 -31.08 -12.39 -4.97
C VAL D 91 -31.83 -13.73 -4.82
N GLU D 92 -31.14 -14.80 -4.34
CA GLU D 92 -31.77 -16.11 -4.18
C GLU D 92 -32.16 -16.51 -2.73
N LEU D 93 -33.41 -16.93 -2.53
CA LEU D 93 -33.88 -17.42 -1.24
C LEU D 93 -33.52 -18.91 -1.17
N LEU D 94 -32.88 -19.34 -0.09
CA LEU D 94 -32.49 -20.73 0.11
C LEU D 94 -33.48 -21.45 0.99
N GLY D 95 -33.92 -20.78 2.05
CA GLY D 95 -34.91 -21.34 2.95
C GLY D 95 -35.58 -20.34 3.85
N PHE D 96 -36.28 -20.83 4.86
CA PHE D 96 -37.00 -20.00 5.81
C PHE D 96 -37.32 -20.77 7.12
N SER D 97 -37.75 -20.06 8.17
CA SER D 97 -38.18 -20.63 9.46
C SER D 97 -39.44 -19.87 9.91
N SER D 98 -40.58 -20.55 10.06
CA SER D 98 -41.80 -19.88 10.51
C SER D 98 -42.33 -20.36 11.87
N ASP D 99 -41.68 -21.37 12.48
CA ASP D 99 -42.09 -21.93 13.76
C ASP D 99 -42.00 -20.93 14.92
N GLY D 100 -43.14 -20.68 15.54
CA GLY D 100 -43.23 -19.76 16.66
C GLY D 100 -43.32 -18.31 16.23
N ASP D 101 -43.05 -17.40 17.16
CA ASP D 101 -43.10 -15.96 16.88
C ASP D 101 -41.74 -15.41 16.40
N ASP D 102 -40.91 -16.29 15.81
CA ASP D 102 -39.60 -15.96 15.31
C ASP D 102 -39.60 -16.30 13.82
N LEU D 103 -39.71 -15.29 12.97
CA LEU D 103 -39.72 -15.48 11.52
C LEU D 103 -38.32 -15.28 10.99
N CYS D 104 -37.77 -16.28 10.29
CA CYS D 104 -36.42 -16.17 9.74
C CYS D 104 -36.43 -16.48 8.24
N LEU D 105 -35.54 -15.84 7.50
CA LEU D 105 -35.40 -16.10 6.08
C LEU D 105 -33.94 -16.36 5.80
N VAL D 106 -33.62 -17.44 5.07
CA VAL D 106 -32.23 -17.78 4.80
C VAL D 106 -31.88 -17.60 3.33
N TYR D 107 -30.90 -16.75 3.03
CA TYR D 107 -30.45 -16.46 1.66
C TYR D 107 -28.98 -16.79 1.49
N VAL D 108 -28.48 -16.73 0.23
CA VAL D 108 -27.07 -17.00 -0.02
C VAL D 108 -26.25 -15.83 0.60
N TYR D 109 -25.03 -16.13 1.08
CA TYR D 109 -24.16 -15.08 1.62
C TYR D 109 -23.61 -14.25 0.44
N MET D 110 -23.78 -12.92 0.48
CA MET D 110 -23.30 -12.00 -0.53
C MET D 110 -21.96 -11.49 -0.06
N PRO D 111 -20.86 -11.98 -0.65
CA PRO D 111 -19.52 -11.57 -0.15
C PRO D 111 -19.22 -10.09 -0.12
N ASN D 112 -19.95 -9.29 -0.89
CA ASN D 112 -19.66 -7.87 -0.93
C ASN D 112 -20.76 -6.99 -0.36
N GLY D 113 -21.66 -7.58 0.43
CA GLY D 113 -22.74 -6.86 1.11
C GLY D 113 -23.62 -6.02 0.23
N SER D 114 -23.93 -4.82 0.67
CA SER D 114 -24.80 -3.95 -0.11
C SER D 114 -24.06 -2.84 -0.84
N LEU D 115 -24.73 -2.30 -1.87
CA LEU D 115 -24.25 -1.19 -2.65
C LEU D 115 -24.08 0.05 -1.75
N LEU D 116 -24.98 0.24 -0.77
CA LEU D 116 -24.89 1.36 0.18
C LEU D 116 -23.52 1.33 0.91
N ASP D 117 -23.19 0.20 1.55
CA ASP D 117 -21.95 -0.01 2.29
C ASP D 117 -20.71 0.01 1.42
N ARG D 118 -20.83 -0.40 0.16
CA ARG D 118 -19.68 -0.37 -0.72
C ARG D 118 -19.41 1.04 -1.23
N LEU D 119 -20.45 1.85 -1.45
CA LEU D 119 -20.27 3.25 -1.84
C LEU D 119 -19.69 4.06 -0.68
N SER D 120 -20.02 3.71 0.56
CA SER D 120 -19.49 4.39 1.73
C SER D 120 -18.18 3.78 2.27
N CYS D 121 -17.70 2.65 1.66
CA CYS D 121 -16.49 1.90 2.04
C CYS D 121 -16.54 1.40 3.48
N LEU D 122 -17.73 0.96 3.93
CA LEU D 122 -17.94 0.47 5.29
C LEU D 122 -17.03 -0.72 5.54
N ASP D 123 -16.41 -0.75 6.71
CA ASP D 123 -15.44 -1.77 7.12
C ASP D 123 -14.11 -1.69 6.36
N GLY D 124 -13.85 -0.57 5.66
CA GLY D 124 -12.62 -0.35 4.94
C GLY D 124 -12.48 -0.97 3.57
N THR D 125 -13.58 -1.32 2.91
CA THR D 125 -13.52 -1.92 1.57
C THR D 125 -12.98 -0.90 0.56
N PRO D 126 -12.28 -1.32 -0.51
CA PRO D 126 -11.78 -0.31 -1.48
C PRO D 126 -12.93 0.35 -2.23
N PRO D 127 -12.76 1.62 -2.61
CA PRO D 127 -13.80 2.29 -3.38
C PRO D 127 -14.11 1.59 -4.68
N LEU D 128 -15.40 1.47 -5.04
CA LEU D 128 -15.79 0.91 -6.32
C LEU D 128 -15.31 1.88 -7.45
N SER D 129 -14.91 1.30 -8.56
CA SER D 129 -14.47 2.10 -9.71
C SER D 129 -15.70 2.43 -10.55
N TRP D 130 -15.58 3.41 -11.46
CA TRP D 130 -16.61 3.76 -12.42
C TRP D 130 -17.08 2.53 -13.20
N HIS D 131 -16.13 1.72 -13.74
CA HIS D 131 -16.39 0.47 -14.46
C HIS D 131 -17.27 -0.48 -13.65
N MET D 132 -17.00 -0.71 -12.34
CA MET D 132 -17.85 -1.62 -11.56
C MET D 132 -19.21 -0.96 -11.29
N ARG D 133 -19.25 0.39 -11.08
CA ARG D 133 -20.48 1.17 -10.82
C ARG D 133 -21.45 1.12 -11.98
N CYS D 134 -20.93 0.98 -13.20
CA CYS D 134 -21.72 0.83 -14.44
C CYS D 134 -22.31 -0.58 -14.49
N LYS D 135 -21.53 -1.59 -14.15
CA LYS D 135 -21.97 -2.98 -14.14
C LYS D 135 -23.10 -3.15 -13.11
N ILE D 136 -22.94 -2.49 -11.95
CA ILE D 136 -23.92 -2.51 -10.87
C ILE D 136 -25.20 -1.82 -11.32
N ALA D 137 -25.11 -0.60 -11.91
CA ALA D 137 -26.32 0.08 -12.41
C ALA D 137 -27.06 -0.77 -13.46
N GLN D 138 -26.30 -1.36 -14.42
CA GLN D 138 -26.87 -2.17 -15.49
C GLN D 138 -27.59 -3.37 -14.95
N GLY D 139 -26.95 -4.06 -14.01
CA GLY D 139 -27.50 -5.23 -13.37
C GLY D 139 -28.77 -4.90 -12.61
N ALA D 140 -28.75 -3.87 -11.77
CA ALA D 140 -29.92 -3.46 -11.02
C ALA D 140 -31.10 -3.06 -11.96
N ALA D 141 -30.82 -2.48 -13.14
CA ALA D 141 -31.83 -2.14 -14.13
C ALA D 141 -32.46 -3.43 -14.72
N ASN D 142 -31.63 -4.42 -15.16
CA ASN D 142 -32.07 -5.73 -15.64
C ASN D 142 -32.94 -6.45 -14.58
N GLY D 143 -32.52 -6.34 -13.31
CA GLY D 143 -33.23 -6.89 -12.16
C GLY D 143 -34.58 -6.24 -11.99
N ILE D 144 -34.66 -4.89 -12.10
CA ILE D 144 -35.98 -4.22 -12.00
C ILE D 144 -36.86 -4.61 -13.18
N ASN D 145 -36.25 -4.76 -14.36
CA ASN D 145 -36.91 -5.11 -15.58
C ASN D 145 -37.61 -6.45 -15.47
N PHE D 146 -36.92 -7.47 -14.96
CA PHE D 146 -37.50 -8.80 -14.78
C PHE D 146 -38.70 -8.74 -13.85
N LEU D 147 -38.61 -7.92 -12.77
CA LEU D 147 -39.70 -7.75 -11.82
C LEU D 147 -40.91 -7.11 -12.48
N HIS D 148 -40.69 -6.04 -13.27
CA HIS D 148 -41.76 -5.33 -14.00
C HIS D 148 -42.36 -6.17 -15.12
N GLU D 149 -41.54 -7.04 -15.75
CA GLU D 149 -41.98 -7.97 -16.79
C GLU D 149 -42.90 -9.03 -16.16
N ASN D 150 -42.58 -9.48 -14.95
CA ASN D 150 -43.38 -10.46 -14.22
C ASN D 150 -44.45 -9.82 -13.34
N HIS D 151 -44.86 -8.60 -13.69
CA HIS D 151 -45.92 -7.82 -13.05
C HIS D 151 -45.76 -7.68 -11.54
N HIS D 152 -44.62 -7.17 -11.10
CA HIS D 152 -44.35 -6.94 -9.69
C HIS D 152 -43.75 -5.55 -9.49
N ILE D 153 -44.15 -4.86 -8.42
CA ILE D 153 -43.60 -3.55 -8.06
C ILE D 153 -42.85 -3.76 -6.77
N HIS D 154 -41.56 -3.42 -6.75
CA HIS D 154 -40.70 -3.64 -5.60
C HIS D 154 -41.17 -2.89 -4.37
N ARG D 155 -41.38 -1.56 -4.54
CA ARG D 155 -41.83 -0.58 -3.54
C ARG D 155 -40.76 -0.16 -2.52
N ASP D 156 -39.49 -0.62 -2.68
CA ASP D 156 -38.45 -0.32 -1.72
C ASP D 156 -37.05 -0.32 -2.37
N ILE D 157 -36.95 0.17 -3.59
CA ILE D 157 -35.70 0.25 -4.33
C ILE D 157 -34.82 1.31 -3.72
N LYS D 158 -33.66 0.86 -3.25
CA LYS D 158 -32.64 1.68 -2.64
C LYS D 158 -31.32 0.93 -2.65
N SER D 159 -30.20 1.66 -2.51
CA SER D 159 -28.87 1.04 -2.53
C SER D 159 -28.64 0.00 -1.42
N ALA D 160 -29.28 0.15 -0.25
CA ALA D 160 -29.17 -0.84 0.83
C ALA D 160 -29.77 -2.21 0.38
N ASN D 161 -30.78 -2.14 -0.53
CA ASN D 161 -31.45 -3.31 -1.08
C ASN D 161 -30.82 -3.83 -2.37
N ILE D 162 -29.68 -3.27 -2.82
CA ILE D 162 -28.98 -3.79 -3.98
C ILE D 162 -27.75 -4.48 -3.45
N LEU D 163 -27.74 -5.80 -3.46
CA LEU D 163 -26.64 -6.57 -2.91
C LEU D 163 -25.61 -6.97 -3.96
N LEU D 164 -24.37 -7.22 -3.53
CA LEU D 164 -23.23 -7.53 -4.40
C LEU D 164 -22.58 -8.87 -4.07
N ASP D 165 -22.56 -9.80 -5.03
CA ASP D 165 -22.01 -11.13 -4.82
C ASP D 165 -20.45 -11.16 -4.96
N GLU D 166 -19.88 -12.37 -5.04
CA GLU D 166 -18.47 -12.65 -5.21
C GLU D 166 -17.85 -11.99 -6.44
N ALA D 167 -18.64 -11.66 -7.44
CA ALA D 167 -18.18 -10.99 -8.66
C ALA D 167 -18.69 -9.56 -8.78
N PHE D 168 -19.32 -9.03 -7.72
CA PHE D 168 -19.96 -7.72 -7.67
C PHE D 168 -21.17 -7.66 -8.61
N THR D 169 -21.91 -8.77 -8.70
CA THR D 169 -23.13 -8.80 -9.50
C THR D 169 -24.18 -8.24 -8.62
N ALA D 170 -24.87 -7.20 -9.12
CA ALA D 170 -25.95 -6.54 -8.40
C ALA D 170 -27.15 -7.48 -8.32
N LYS D 171 -27.66 -7.72 -7.12
CA LYS D 171 -28.78 -8.58 -6.89
C LYS D 171 -29.80 -7.87 -6.02
N ILE D 172 -30.95 -7.45 -6.59
CA ILE D 172 -32.02 -6.80 -5.84
C ILE D 172 -32.55 -7.71 -4.74
N SER D 173 -32.81 -7.14 -3.58
CA SER D 173 -33.30 -7.87 -2.41
C SER D 173 -34.51 -7.15 -1.77
N ASP D 174 -35.08 -7.76 -0.73
CA ASP D 174 -36.21 -7.26 0.04
C ASP D 174 -37.50 -7.13 -0.78
N PHE D 175 -38.26 -8.23 -0.83
CA PHE D 175 -39.54 -8.29 -1.56
C PHE D 175 -40.75 -8.44 -0.61
N GLY D 176 -40.59 -8.10 0.66
CA GLY D 176 -41.68 -8.17 1.62
C GLY D 176 -42.77 -7.14 1.33
N LEU D 177 -42.39 -6.01 0.72
CA LEU D 177 -43.27 -4.91 0.35
C LEU D 177 -43.72 -4.98 -1.13
N ALA D 178 -43.36 -6.04 -1.86
CA ALA D 178 -43.68 -6.15 -3.27
C ALA D 178 -45.17 -6.32 -3.54
N ARG D 179 -45.64 -5.72 -4.64
CA ARG D 179 -47.05 -5.75 -5.01
C ARG D 179 -47.25 -6.30 -6.40
N ALA D 180 -48.42 -6.88 -6.66
CA ALA D 180 -48.75 -7.38 -7.98
C ALA D 180 -49.21 -6.22 -8.83
N SER D 181 -48.57 -6.00 -9.98
CA SER D 181 -48.95 -4.91 -10.88
C SER D 181 -50.21 -5.32 -11.66
N ALA D 185 -51.60 -3.59 -14.66
CA ALA D 185 -50.40 -2.95 -14.12
C ALA D 185 -50.58 -1.45 -13.89
N GLN D 186 -51.83 -1.03 -13.51
CA GLN D 186 -52.26 0.36 -13.28
C GLN D 186 -51.90 0.93 -11.89
N TPO D 187 -52.42 2.14 -11.58
CA TPO D 187 -52.17 2.89 -10.34
CB TPO D 187 -51.89 4.34 -10.84
CG2 TPO D 187 -51.67 5.29 -9.67
OG1 TPO D 187 -50.76 4.44 -11.77
P TPO D 187 -51.08 5.28 -13.04
O1P TPO D 187 -49.78 5.54 -13.77
O2P TPO D 187 -51.80 6.61 -12.81
O3P TPO D 187 -51.98 4.50 -14.02
C TPO D 187 -53.35 2.82 -9.32
O TPO D 187 -54.45 3.32 -9.58
N VAL D 188 -53.07 2.19 -8.15
CA VAL D 188 -53.98 1.98 -7.02
C VAL D 188 -53.50 2.84 -5.77
N MET D 189 -54.19 2.74 -4.61
CA MET D 189 -53.80 3.51 -3.42
C MET D 189 -53.69 2.69 -2.16
N TPO D 190 -53.08 3.25 -1.10
CA TPO D 190 -52.93 2.49 0.15
CB TPO D 190 -51.61 1.65 0.25
CG2 TPO D 190 -50.35 2.53 0.25
OG1 TPO D 190 -51.52 0.82 1.41
P TPO D 190 -52.18 -0.58 1.33
O1P TPO D 190 -52.06 -1.30 -0.01
O2P TPO D 190 -53.67 -0.47 1.52
O3P TPO D 190 -51.56 -1.49 2.39
C TPO D 190 -53.11 3.35 1.40
O TPO D 190 -52.90 4.56 1.37
N SEP D 191 -53.43 2.69 2.50
CA SEP D 191 -53.60 3.30 3.81
CB SEP D 191 -54.71 2.48 4.55
OG SEP D 191 -54.99 1.18 3.93
C SEP D 191 -52.29 3.24 4.63
O SEP D 191 -52.01 4.13 5.43
P SEP D 191 -56.48 1.04 3.47
O1P SEP D 191 -56.85 2.16 2.45
O2P SEP D 191 -57.37 1.09 4.69
O3P SEP D 191 -56.69 -0.34 2.83
N ARG D 192 -51.49 2.17 4.40
CA ARG D 192 -50.20 1.98 5.07
C ARG D 192 -49.09 2.39 4.10
N ILE D 193 -48.63 3.66 4.18
CA ILE D 193 -47.58 4.19 3.31
C ILE D 193 -46.20 3.67 3.75
N VAL D 194 -45.54 2.89 2.89
CA VAL D 194 -44.25 2.28 3.24
C VAL D 194 -43.14 2.51 2.20
N GLY D 195 -41.91 2.45 2.70
CA GLY D 195 -40.70 2.69 1.93
C GLY D 195 -39.74 3.60 2.66
N THR D 196 -38.70 4.07 1.96
CA THR D 196 -37.69 4.97 2.54
C THR D 196 -37.87 6.35 1.92
N THR D 197 -38.20 7.37 2.74
CA THR D 197 -38.51 8.72 2.29
C THR D 197 -37.53 9.30 1.29
N ALA D 198 -36.22 9.16 1.54
CA ALA D 198 -35.15 9.69 0.69
C ALA D 198 -35.16 9.20 -0.76
N TYR D 199 -35.80 8.06 -1.03
CA TYR D 199 -35.86 7.52 -2.39
C TYR D 199 -37.26 7.56 -3.00
N MET D 200 -38.30 7.62 -2.16
CA MET D 200 -39.70 7.57 -2.60
C MET D 200 -40.16 8.67 -3.53
N ALA D 201 -40.83 8.27 -4.62
CA ALA D 201 -41.47 9.14 -5.60
C ALA D 201 -42.52 10.03 -4.93
N PRO D 202 -42.81 11.21 -5.52
CA PRO D 202 -43.84 12.08 -4.92
C PRO D 202 -45.20 11.38 -4.74
N GLU D 203 -45.67 10.68 -5.76
CA GLU D 203 -46.96 9.98 -5.69
C GLU D 203 -46.95 8.83 -4.67
N ALA D 204 -45.78 8.21 -4.46
CA ALA D 204 -45.65 7.13 -3.48
C ALA D 204 -45.81 7.71 -2.06
N LEU D 205 -45.25 8.91 -1.84
CA LEU D 205 -45.36 9.60 -0.55
C LEU D 205 -46.84 9.95 -0.23
N ARG D 206 -47.68 10.12 -1.29
CA ARG D 206 -49.12 10.40 -1.26
C ARG D 206 -49.99 9.12 -1.11
N GLY D 207 -49.42 7.94 -1.38
CA GLY D 207 -50.13 6.68 -1.22
C GLY D 207 -50.40 5.91 -2.51
N GLU D 208 -49.99 6.44 -3.65
CA GLU D 208 -50.16 5.74 -4.92
C GLU D 208 -49.22 4.55 -5.02
N ILE D 209 -49.64 3.52 -5.73
CA ILE D 209 -48.83 2.32 -5.95
C ILE D 209 -48.76 2.11 -7.48
N THR D 210 -47.55 2.25 -8.04
CA THR D 210 -47.34 2.19 -9.48
C THR D 210 -45.88 1.79 -9.76
N PRO D 211 -45.62 0.97 -10.81
CA PRO D 211 -44.22 0.64 -11.15
C PRO D 211 -43.39 1.88 -11.53
N LYS D 212 -44.05 3.02 -11.82
CA LYS D 212 -43.37 4.27 -12.11
C LYS D 212 -42.62 4.79 -10.89
N SER D 213 -43.11 4.50 -9.68
CA SER D 213 -42.46 4.93 -8.45
C SER D 213 -41.11 4.23 -8.28
N ASP D 214 -40.98 2.97 -8.74
CA ASP D 214 -39.75 2.20 -8.67
C ASP D 214 -38.68 2.85 -9.54
N ILE D 215 -39.06 3.39 -10.71
CA ILE D 215 -38.16 4.09 -11.63
C ILE D 215 -37.56 5.30 -10.92
N TYR D 216 -38.41 6.05 -10.20
CA TYR D 216 -37.96 7.23 -9.45
C TYR D 216 -36.95 6.84 -8.39
N SER D 217 -37.25 5.80 -7.60
CA SER D 217 -36.33 5.33 -6.56
C SER D 217 -34.98 4.90 -7.16
N PHE D 218 -35.00 4.33 -8.37
CA PHE D 218 -33.80 3.92 -9.08
C PHE D 218 -32.98 5.13 -9.58
N GLY D 219 -33.65 6.24 -9.86
CA GLY D 219 -32.99 7.48 -10.24
C GLY D 219 -32.12 8.00 -9.11
N VAL D 220 -32.62 7.91 -7.87
CA VAL D 220 -31.89 8.29 -6.64
C VAL D 220 -30.68 7.35 -6.43
N VAL D 221 -30.83 6.06 -6.82
CA VAL D 221 -29.78 5.05 -6.75
C VAL D 221 -28.70 5.38 -7.76
N LEU D 222 -29.07 5.82 -8.99
CA LEU D 222 -28.04 6.22 -9.97
C LEU D 222 -27.27 7.42 -9.47
N LEU D 223 -27.94 8.35 -8.74
CA LEU D 223 -27.27 9.52 -8.16
C LEU D 223 -26.32 9.09 -7.05
N GLU D 224 -26.68 8.08 -6.26
CA GLU D 224 -25.82 7.61 -5.17
C GLU D 224 -24.55 7.02 -5.76
N ILE D 225 -24.69 6.22 -6.84
CA ILE D 225 -23.59 5.60 -7.57
C ILE D 225 -22.64 6.66 -8.14
N ILE D 226 -23.18 7.73 -8.75
CA ILE D 226 -22.35 8.80 -9.31
C ILE D 226 -21.57 9.60 -8.27
N THR D 227 -22.19 9.93 -7.15
CA THR D 227 -21.59 10.83 -6.16
C THR D 227 -20.95 10.17 -4.95
N GLY D 228 -21.27 8.92 -4.70
CA GLY D 228 -20.82 8.23 -3.50
C GLY D 228 -21.53 8.65 -2.21
N LEU D 229 -22.50 9.59 -2.32
CA LEU D 229 -23.24 10.11 -1.18
C LEU D 229 -24.53 9.32 -0.97
N PRO D 230 -24.89 9.01 0.29
CA PRO D 230 -26.19 8.34 0.55
C PRO D 230 -27.38 9.27 0.26
N ALA D 231 -28.57 8.72 -0.05
CA ALA D 231 -29.73 9.56 -0.40
C ALA D 231 -30.10 10.62 0.63
N VAL D 232 -29.90 10.30 1.91
CA VAL D 232 -30.16 11.23 2.98
C VAL D 232 -29.02 11.23 3.98
N ASP D 233 -28.54 12.42 4.33
CA ASP D 233 -27.52 12.57 5.36
C ASP D 233 -27.96 13.74 6.24
N GLU D 234 -28.21 13.46 7.52
CA GLU D 234 -28.67 14.44 8.49
C GLU D 234 -27.63 15.56 8.64
N HIS D 235 -26.34 15.20 8.74
CA HIS D 235 -25.26 16.15 8.90
C HIS D 235 -24.64 16.57 7.56
N ARG D 236 -25.49 16.87 6.57
CA ARG D 236 -25.00 17.28 5.26
C ARG D 236 -25.90 18.37 4.66
N GLU D 237 -25.33 19.24 3.85
CA GLU D 237 -26.03 20.30 3.14
C GLU D 237 -25.81 20.10 1.65
N PRO D 238 -26.86 19.74 0.90
CA PRO D 238 -28.24 19.52 1.35
C PRO D 238 -28.45 18.13 1.91
N GLN D 239 -29.41 17.99 2.84
CA GLN D 239 -29.68 16.70 3.45
C GLN D 239 -30.22 15.65 2.47
N LEU D 240 -30.81 16.09 1.35
CA LEU D 240 -31.36 15.19 0.37
C LEU D 240 -30.55 15.22 -0.89
N LEU D 241 -30.18 14.03 -1.40
CA LEU D 241 -29.43 13.93 -2.63
C LEU D 241 -30.24 14.46 -3.83
N LEU D 242 -31.59 14.34 -3.77
CA LEU D 242 -32.51 14.86 -4.77
C LEU D 242 -32.31 16.37 -4.94
N ASP D 243 -32.05 17.11 -3.84
CA ASP D 243 -31.85 18.57 -3.89
C ASP D 243 -30.72 18.93 -4.85
N ILE D 244 -29.65 18.10 -4.87
CA ILE D 244 -28.50 18.30 -5.75
C ILE D 244 -28.92 18.31 -7.24
N LYS D 245 -29.98 17.56 -7.59
CA LYS D 245 -30.53 17.54 -8.95
C LYS D 245 -31.09 18.94 -9.30
N GLU D 246 -31.77 19.58 -8.34
CA GLU D 246 -32.32 20.92 -8.53
C GLU D 246 -31.18 21.94 -8.75
N GLU D 247 -30.11 21.84 -7.96
CA GLU D 247 -28.94 22.71 -8.08
C GLU D 247 -28.29 22.62 -9.46
N ILE D 248 -28.30 21.42 -10.04
CA ILE D 248 -27.74 21.22 -11.37
C ILE D 248 -28.66 21.78 -12.44
N GLU D 249 -29.99 21.53 -12.29
CA GLU D 249 -31.00 22.03 -13.23
C GLU D 249 -31.01 23.56 -13.29
N ASP D 250 -30.81 24.23 -12.15
CA ASP D 250 -30.79 25.69 -12.10
C ASP D 250 -29.41 26.29 -12.36
N GLU D 251 -28.51 25.53 -13.03
CA GLU D 251 -27.14 25.92 -13.38
C GLU D 251 -26.26 26.38 -12.20
N GLU D 252 -26.74 26.18 -10.95
CA GLU D 252 -26.03 26.55 -9.73
C GLU D 252 -24.81 25.64 -9.45
N LYS D 253 -24.82 24.42 -10.02
CA LYS D 253 -23.77 23.41 -9.92
C LYS D 253 -23.81 22.51 -11.19
N THR D 254 -22.75 21.70 -11.42
CA THR D 254 -22.75 20.73 -12.52
C THR D 254 -22.62 19.29 -11.96
N ILE D 255 -22.84 18.25 -12.80
CA ILE D 255 -22.69 16.87 -12.31
C ILE D 255 -21.19 16.59 -12.04
N GLU D 256 -20.28 17.22 -12.82
CA GLU D 256 -18.83 17.13 -12.65
C GLU D 256 -18.39 17.57 -11.26
N ASP D 257 -19.10 18.52 -10.65
CA ASP D 257 -18.80 18.99 -9.29
C ASP D 257 -19.22 17.98 -8.21
N TYR D 258 -20.05 16.99 -8.54
CA TYR D 258 -20.55 16.03 -7.57
C TYR D 258 -20.01 14.61 -7.73
N ILE D 259 -19.38 14.28 -8.89
CA ILE D 259 -18.79 12.96 -9.15
C ILE D 259 -17.90 12.50 -8.00
N ASP D 260 -18.06 11.25 -7.58
CA ASP D 260 -17.30 10.69 -6.48
C ASP D 260 -15.79 10.83 -6.69
N LYS D 261 -15.11 11.56 -5.78
CA LYS D 261 -13.66 11.71 -5.89
C LYS D 261 -12.88 10.40 -5.57
N LYS D 262 -13.55 9.44 -4.88
CA LYS D 262 -12.97 8.13 -4.57
C LYS D 262 -12.93 7.17 -5.77
N MET D 263 -12.76 7.66 -6.99
CA MET D 263 -12.60 6.79 -8.17
C MET D 263 -11.76 7.50 -9.23
N ASN D 264 -10.86 6.77 -9.87
CA ASN D 264 -9.90 7.39 -10.79
C ASN D 264 -10.22 7.21 -12.28
N ASP D 265 -11.19 6.34 -12.60
CA ASP D 265 -11.56 5.98 -13.97
C ASP D 265 -12.86 6.57 -14.50
N ALA D 266 -13.52 7.47 -13.76
CA ALA D 266 -14.78 8.05 -14.25
C ALA D 266 -14.47 9.07 -15.35
N ASP D 267 -15.28 9.10 -16.40
CA ASP D 267 -15.11 10.04 -17.51
C ASP D 267 -16.38 10.89 -17.65
N SER D 268 -16.26 12.10 -18.19
CA SER D 268 -17.40 12.99 -18.38
C SER D 268 -18.52 12.42 -19.27
N THR D 269 -18.18 11.89 -20.44
CA THR D 269 -19.16 11.33 -21.38
C THR D 269 -20.10 10.30 -20.74
N SER D 270 -19.55 9.31 -20.02
CA SER D 270 -20.36 8.27 -19.40
C SER D 270 -20.99 8.74 -18.11
N VAL D 271 -20.39 9.72 -17.40
CA VAL D 271 -21.03 10.22 -16.18
C VAL D 271 -22.24 11.10 -16.51
N GLU D 272 -22.19 11.83 -17.64
CA GLU D 272 -23.34 12.65 -18.07
C GLU D 272 -24.43 11.81 -18.75
N ALA D 273 -24.09 10.66 -19.30
CA ALA D 273 -25.07 9.74 -19.89
C ALA D 273 -25.83 9.01 -18.74
N MET D 274 -25.12 8.68 -17.64
CA MET D 274 -25.74 8.09 -16.47
C MET D 274 -26.58 9.14 -15.76
N TYR D 275 -26.10 10.40 -15.69
CA TYR D 275 -26.86 11.47 -15.06
C TYR D 275 -28.13 11.78 -15.86
N SER D 276 -28.09 11.63 -17.20
CA SER D 276 -29.23 11.83 -18.07
C SER D 276 -30.33 10.82 -17.71
N VAL D 277 -29.96 9.54 -17.52
CA VAL D 277 -30.90 8.48 -17.16
C VAL D 277 -31.53 8.80 -15.81
N ALA D 278 -30.69 9.21 -14.83
CA ALA D 278 -31.13 9.58 -13.48
C ALA D 278 -32.08 10.75 -13.50
N SER D 279 -31.79 11.80 -14.30
CA SER D 279 -32.64 12.99 -14.45
C SER D 279 -33.98 12.63 -15.06
N GLN D 280 -33.98 11.72 -16.03
CA GLN D 280 -35.21 11.23 -16.65
C GLN D 280 -36.04 10.45 -15.66
N CYS D 281 -35.39 9.64 -14.82
CA CYS D 281 -36.04 8.85 -13.79
C CYS D 281 -36.62 9.71 -12.70
N LEU D 282 -35.94 10.80 -12.35
CA LEU D 282 -36.34 11.65 -11.25
C LEU D 282 -37.40 12.71 -11.59
N HIS D 283 -38.23 12.44 -12.61
CA HIS D 283 -39.32 13.35 -12.97
C HIS D 283 -40.32 13.35 -11.88
N GLU D 284 -40.62 14.52 -11.36
CA GLU D 284 -41.63 14.66 -10.32
C GLU D 284 -43.02 14.20 -10.87
N LYS D 285 -43.20 14.21 -12.23
CA LYS D 285 -44.41 13.76 -12.92
C LYS D 285 -44.23 12.38 -13.56
N LYS D 286 -44.82 11.37 -12.89
CA LYS D 286 -44.71 9.94 -13.18
C LYS D 286 -44.83 9.52 -14.63
N ASN D 287 -45.75 10.12 -15.40
CA ASN D 287 -45.92 9.70 -16.80
C ASN D 287 -44.83 10.26 -17.75
N LYS D 288 -44.01 11.20 -17.28
CA LYS D 288 -42.88 11.71 -18.07
C LYS D 288 -41.63 10.76 -17.98
N ARG D 289 -41.58 9.89 -16.90
CA ARG D 289 -40.52 8.93 -16.59
C ARG D 289 -40.42 7.83 -17.61
N PRO D 290 -39.19 7.32 -17.87
CA PRO D 290 -39.09 6.20 -18.83
C PRO D 290 -39.48 4.87 -18.20
N ASP D 291 -39.88 3.91 -19.04
CA ASP D 291 -40.18 2.57 -18.59
C ASP D 291 -38.86 1.83 -18.27
N ILE D 292 -38.92 0.74 -17.49
CA ILE D 292 -37.70 0.04 -17.10
C ILE D 292 -36.96 -0.55 -18.32
N LYS D 293 -37.68 -0.83 -19.44
CA LYS D 293 -37.02 -1.31 -20.66
C LYS D 293 -36.23 -0.17 -21.35
N LYS D 294 -36.70 1.08 -21.20
CA LYS D 294 -36.02 2.25 -21.76
C LYS D 294 -34.81 2.64 -20.89
N VAL D 295 -34.94 2.50 -19.55
CA VAL D 295 -33.85 2.75 -18.61
C VAL D 295 -32.72 1.72 -18.83
N GLN D 296 -33.11 0.46 -19.06
CA GLN D 296 -32.23 -0.65 -19.34
C GLN D 296 -31.50 -0.45 -20.67
N GLN D 297 -32.20 0.12 -21.67
CA GLN D 297 -31.63 0.43 -22.99
C GLN D 297 -30.60 1.56 -22.88
N LEU D 298 -30.91 2.59 -22.11
CA LEU D 298 -30.02 3.73 -21.91
C LEU D 298 -28.73 3.38 -21.14
N LEU D 299 -28.84 2.52 -20.11
CA LEU D 299 -27.66 2.11 -19.35
C LEU D 299 -26.74 1.23 -20.24
N GLN D 300 -27.33 0.41 -21.14
CA GLN D 300 -26.58 -0.41 -22.09
C GLN D 300 -25.92 0.43 -23.17
N GLU D 301 -26.57 1.53 -23.58
CA GLU D 301 -26.01 2.46 -24.58
C GLU D 301 -24.86 3.30 -24.01
N MET D 302 -24.86 3.53 -22.69
CA MET D 302 -23.86 4.30 -21.95
C MET D 302 -22.45 3.66 -22.06
N THR D 303 -22.39 2.32 -22.08
CA THR D 303 -21.15 1.55 -22.15
C THR D 303 -20.90 0.92 -23.54
C1 R7S E . -2.45 9.18 -6.79
O2 R7S E . -0.79 7.45 -6.75
C3 R7S E . -2.19 7.61 -4.86
C4 R7S E . -1.47 8.41 -5.93
C6 R7S E . -0.39 9.34 -5.31
C7 R7S E . 0.28 10.22 -6.33
F5 R7S E . -1.02 10.15 -4.36
N8 R7S E . 1.31 11.03 -5.68
O9 R7S E . -0.05 12.74 -5.25
C10 R7S E . 1.09 12.26 -5.24
C11 R7S E . -0.81 16.48 -3.04
C12 R7S E . 0.26 17.14 -3.82
C13 R7S E . 0.56 15.94 -3.02
N14 R7S E . 0.83 14.71 -3.73
N15 R7S E . 6.43 19.66 -0.71
C16 R7S E . 5.66 20.54 -1.23
S17 R7S E . 4.70 20.04 -2.58
C18 R7S E . 6.81 16.16 -1.91
C19 R7S E . 7.02 17.28 -1.13
C20 R7S E . 6.32 18.44 -1.40
C21 R7S E . 5.41 18.47 -2.46
C22 R7S E . 5.19 17.34 -3.24
C23 R7S E . 5.89 16.18 -2.94
N24 R7S E . 5.70 15.01 -3.66
C25 R7S E . 2.10 14.23 -4.02
C26 R7S E . 3.25 14.92 -3.62
C27 R7S E . 4.51 14.41 -3.97
N28 R7S E . 4.66 13.29 -4.67
C29 R7S E . 3.56 12.63 -5.03
C30 R7S E . 2.27 13.04 -4.75
S SO4 F . -8.25 29.78 3.88
O1 SO4 F . -8.02 31.18 4.21
O2 SO4 F . -6.98 29.13 3.55
O3 SO4 F . -8.84 29.08 5.03
O4 SO4 F . -9.15 29.68 2.73
C1 R7S G . 5.12 -0.97 -10.62
O2 R7S G . 3.22 0.19 -9.70
C3 R7S G . 4.17 -1.51 -8.36
C4 R7S G . 3.84 -1.10 -9.79
C6 R7S G . 2.85 -2.09 -10.45
C7 R7S G . 2.56 -1.77 -11.90
F5 R7S G . 3.35 -3.40 -10.36
N8 R7S G . 1.53 -2.67 -12.42
O9 R7S G . 2.98 -4.13 -13.31
C10 R7S G . 1.81 -3.77 -13.10
C11 R7S G . 2.67 -8.10 -15.77
C12 R7S G . 3.71 -8.17 -14.72
C13 R7S G . 2.32 -7.87 -14.35
N14 R7S G . 2.01 -6.50 -13.94
N15 R7S G . -3.63 -11.49 -17.28
C16 R7S G . -2.60 -11.73 -18.02
S17 R7S G . -1.41 -10.50 -18.14
C18 R7S G . -4.15 -8.32 -15.35
C19 R7S G . -4.42 -9.59 -15.84
C20 R7S G . -3.51 -10.21 -16.71
C21 R7S G . -2.35 -9.52 -17.07
C22 R7S G . -2.08 -8.25 -16.60
C23 R7S G . -2.99 -7.65 -15.73
N24 R7S G . -2.73 -6.38 -15.20
C25 R7S G . 0.78 -5.89 -14.04
C26 R7S G . -0.34 -6.54 -14.55
C27 R7S G . -1.56 -5.86 -14.67
N28 R7S G . -1.71 -4.58 -14.27
C29 R7S G . -0.63 -3.96 -13.77
C30 R7S G . 0.64 -4.54 -13.63
S SO4 H . 7.86 -31.71 6.60
O1 SO4 H . 9.29 -31.42 6.56
O2 SO4 H . 7.21 -31.10 5.44
O3 SO4 H . 7.65 -33.16 6.59
O4 SO4 H . 7.29 -31.17 7.82
S SO4 I . -19.06 -4.05 -27.52
O1 SO4 I . -17.79 -4.17 -28.25
O2 SO4 I . -19.20 -2.68 -27.01
O3 SO4 I . -19.09 -5.00 -26.41
O4 SO4 I . -20.17 -4.33 -28.43
S SO4 J . 4.99 -37.33 0.64
O1 SO4 J . 6.25 -37.90 0.15
O2 SO4 J . 5.03 -35.87 0.47
O3 SO4 J . 4.83 -37.65 2.06
O4 SO4 J . 3.87 -37.90 -0.11
S SO4 K . 10.29 -22.52 -17.37
O1 SO4 K . 11.44 -22.48 -18.28
O2 SO4 K . 9.49 -21.31 -17.51
O3 SO4 K . 10.75 -22.65 -15.99
O4 SO4 K . 9.48 -23.69 -17.70
C1 R7S L . 15.13 -0.15 10.86
O2 R7S L . 14.74 0.90 12.95
C3 R7S L . 14.94 -1.51 12.95
C4 R7S L . 15.44 -0.21 12.34
C6 R7S L . 16.98 -0.04 12.61
C7 R7S L . 17.31 0.14 14.08
F5 R7S L . 17.66 -1.18 12.13
N8 R7S L . 18.69 0.59 14.23
O9 R7S L . 19.60 -1.45 14.54
C10 R7S L . 19.69 -0.22 14.58
C11 R7S L . 24.06 -2.98 14.97
C12 R7S L . 23.56 -3.48 13.68
C13 R7S L . 23.59 -2.03 13.94
N14 R7S L . 22.33 -1.33 14.17
N15 R7S L . 29.67 1.50 16.69
C16 R7S L . 29.79 0.22 16.86
S17 R7S L . 28.32 -0.68 17.02
C18 R7S L . 26.43 3.33 16.48
C19 R7S L . 27.80 3.15 16.49
C20 R7S L . 28.32 1.86 16.67
C21 R7S L . 27.44 0.79 16.83
C22 R7S L . 26.06 0.97 16.82
C23 R7S L . 25.57 2.26 16.64
N24 R7S L . 24.18 2.49 16.62
C25 R7S L . 22.22 -0.12 14.83
C26 R7S L . 23.33 0.53 15.34
C27 R7S L . 23.18 1.74 16.03
N28 R7S L . 21.98 2.30 16.23
C29 R7S L . 20.91 1.66 15.75
C30 R7S L . 20.95 0.45 15.05
S SO4 M . 19.17 4.66 -18.84
O1 SO4 M . 20.24 5.63 -18.52
O2 SO4 M . 19.55 3.80 -19.96
O3 SO4 M . 18.88 3.79 -17.69
O4 SO4 M . 17.96 5.41 -19.21
S SO4 N . 44.92 -5.17 -11.57
O1 SO4 N . 45.87 -4.28 -10.89
O2 SO4 N . 45.52 -5.59 -12.85
O3 SO4 N . 43.65 -4.48 -11.82
O4 SO4 N . 44.65 -6.34 -10.73
S SO4 O . 25.58 19.03 -9.71
O1 SO4 O . 25.88 20.45 -9.76
O2 SO4 O . 26.16 18.35 -10.88
O3 SO4 O . 24.13 18.84 -9.71
O4 SO4 O . 26.14 18.45 -8.50
C1 R7S P . -17.99 -7.22 5.29
O2 R7S P . -17.21 -8.93 3.80
C3 R7S P . -17.29 -6.71 2.95
C4 R7S P . -17.98 -7.72 3.85
C6 R7S P . -19.42 -8.05 3.33
C7 R7S P . -20.23 -8.84 4.31
F5 R7S P . -20.10 -6.86 3.07
N8 R7S P . -21.48 -9.24 3.70
O9 R7S P . -22.74 -7.65 4.67
C10 R7S P . -22.64 -8.67 4.00
C11 R7S P . -26.70 -5.69 4.90
C12 R7S P . -27.46 -6.95 4.81
C13 R7S P . -26.45 -6.62 3.78
N14 R7S P . -25.21 -7.39 3.79
N15 R7S P . -32.39 -10.28 1.37
C16 R7S P . -32.75 -9.64 2.43
S17 R7S P . -31.53 -9.42 3.64
C18 R7S P . -28.98 -11.67 0.75
C19 R7S P . -30.31 -11.37 0.50
C20 R7S P . -31.04 -10.66 1.45
C21 R7S P . -30.42 -10.26 2.64
C22 R7S P . -29.08 -10.56 2.89
C23 R7S P . -28.37 -11.27 1.93
N24 R7S P . -27.02 -11.58 2.13
C25 R7S P . -25.09 -8.71 3.39
C26 R7S P . -26.19 -9.43 2.93
C27 R7S P . -26.01 -10.78 2.56
N28 R7S P . -24.84 -11.41 2.64
C29 R7S P . -23.80 -10.71 3.08
C30 R7S P . -23.85 -9.37 3.47
S SO4 Q . -12.92 13.73 -18.53
O1 SO4 Q . -11.60 13.43 -17.97
O2 SO4 Q . -12.88 15.09 -19.07
O3 SO4 Q . -13.26 12.82 -19.64
O4 SO4 Q . -13.91 13.64 -17.45
S SO4 R . -37.09 -29.57 2.47
O1 SO4 R . -35.74 -30.07 2.20
O2 SO4 R . -37.54 -28.70 1.38
O3 SO4 R . -38.02 -30.70 2.59
O4 SO4 R . -37.11 -28.81 3.72
#